data_9OQ3
#
_entry.id   9OQ3
#
_cell.length_a   1.00
_cell.length_b   1.00
_cell.length_c   1.00
_cell.angle_alpha   90.00
_cell.angle_beta   90.00
_cell.angle_gamma   90.00
#
_symmetry.space_group_name_H-M   'P 1'
#
loop_
_entity.id
_entity.type
_entity.pdbx_description
1 polymer 'Taste receptor type 1 member 2'
2 polymer 'Taste receptor type 1 member 3'
3 non-polymer advantame
#
loop_
_entity_poly.entity_id
_entity_poly.type
_entity_poly.pdbx_seq_one_letter_code
_entity_poly.pdbx_strand_id
1 'polypeptide(L)'
;AENSDFYLPGDYLLGGLFSLHANMKGIVHLNFLQVPMCKEYEVKVIGYNLMQAMRFAVEEINNDSSLLPGVLLGYEIVDV
CYISNNVQPVLYFLAHEDNLLPIQEDYSNYSSRVVAVIGPDNSESVMTVANFLSLFLLPQITYSAISDELRDKVRFPALL
RTTPSADHHIEAMVQLMLHFRWNWIIVLVSNDTYGRDNGQLLGERVARRGICIAFQETLPTLQPNQNMTSEERQRLVTIV
DKLQQSTARVVVVFSPDLTLYHFFNEVLRQNFTGAVWIASESWAIDPVLHNLTELRHLGTFLGITIQSVPIPGFSEFREW
GPQAGPPPLSRTSQSYTCNQECDNCLNATLSFNTILRLSGERVVYSVYSAVYAVAHALHSLLGCDKSTCTKRVVYPWQLL
EEIWKVNFTLLDHQIFFDPQGDVALHLEIVQWQWDRSQNPFQSVASYYPLQRQLKNIQDISWHTINNTIPMSMCSKRCQS
GQKKKPVGIHVCCFECIDCLPGTFLNHTEDEYECQACPNNEWSYQSETSCFKRQLVFLEWHEAPTIAVALLAALGFLSTL
AILVIFWRHFQTPIVRSAGGPMCFLMLTLLLVAYMVVPVYVGPPKVSTCLCRQALFPLCFTICISCIAVRSFQIVCAFKM
ASRFPRAYSYWVRYQGPYVSMAFITVLKMVIVVIGMLATGLSPTTRTDPDDPKITIVSCNPNYRNSLLFNTSLDLLLSVV
GFSFAYMGKELPTNYNEAKFITLSMTFYFTSSVSLCTFMSAYSGVLVTIVDLLVTVLNLLAISLGYFGPKCYMILFYPER
NTPAYFNSMIQGYTMRRD
;
A
2 'polypeptide(L)'
;ASLCLSQQFKAQGDYILGGLFPLGSTEEATLNQRTQPNSIPCNRFSPLGLFLAMAMKMAVEEINNGSALLPGLRLGYDLF
DTCSEPVVTMKSSLMFLAKVGSQSIAAYCNYTQYQPRVLAVIGPHSSELALITGKFFSFFLMPQVSYSASMDRLSDRETF
PSFFRTVPSDRVQLQAVVTLLQNFSWNWVAALGSDDDYGREGLSIFSSLANARGICIAHEGLVPQHDTSGQQLGKVLDVL
RQVNQSKVQVVVLFASARAVYSLFSYSIHHGLSPKVWVASESWLTSDLVMTLPNIARVGTVLGFLQRGALLPEFSHYVET
HLALAADPAFCASLNAELDLEEHVMGQRCPRCDDIMLQNLSSGLLQNLSAGQLHHQIFATYAAVYSVAQALHNTLQCNVS
HCHVSEHVLPWQLLENMYNMSFHARDLTLQFDAEGNVDMEYDLKMWVWQSPTPVLHTVGTFNGTLQLQQSKMYWPGNQVP
VSQCSRQCKDGQVRRVKGFHSCCYDCVDCKAGSYRKHPDDFTCTPCNQDQWSPEKSTACLPRRPKFLAWGEPVVLSLLLL
LCLVLGLALAALGLSVHHWDSPLVQASGGSQFCFGLICLGLFCLSVLLFPGRPSSASCLAQQPMAHLPLTGCLSTLFLQA
AETFVESELPLSWANWLCSYLRGLWAWLVVLLATFVEAALCAWYLIAFPPEVVTDWSVLPTEVLEHCHVRSWVSLGLVHI
TNAMLAFLCFLGTFLVQSQPGRYNRARGLTFAMLAYFITWVSFVPLLANVQVAYQPAVQMGAILVCALGILVTFHLPKCY
VLLWLPKLNTQEFFLGRNAKKAADENSGGGEAAQGHNE
;
B
#
# COMPACT_ATOMS: atom_id res chain seq x y z
N SER A 4 19.49 30.82 15.41
CA SER A 4 18.31 30.52 14.54
C SER A 4 17.37 29.53 15.23
N ASP A 5 16.15 29.43 14.71
CA ASP A 5 15.11 28.62 15.34
C ASP A 5 15.34 27.11 15.16
N PHE A 6 16.06 26.71 14.12
CA PHE A 6 16.24 25.29 13.82
C PHE A 6 17.36 24.64 14.62
N TYR A 7 18.16 25.41 15.35
CA TYR A 7 19.38 24.90 15.97
C TYR A 7 19.51 25.40 17.40
N LEU A 8 19.79 24.48 18.31
CA LEU A 8 20.07 24.81 19.71
C LEU A 8 21.15 23.87 20.24
N PRO A 9 22.38 24.34 20.43
CA PRO A 9 23.43 23.45 20.95
C PRO A 9 23.14 23.03 22.38
N GLY A 10 23.63 21.84 22.74
CA GLY A 10 23.45 21.35 24.09
C GLY A 10 24.23 20.08 24.30
N ASP A 11 24.03 19.49 25.48
CA ASP A 11 24.72 18.24 25.80
C ASP A 11 24.17 17.07 24.98
N TYR A 12 22.85 17.02 24.79
CA TYR A 12 22.22 15.97 24.02
C TYR A 12 21.21 16.61 23.06
N LEU A 13 21.18 16.11 21.83
CA LEU A 13 20.41 16.72 20.74
C LEU A 13 19.26 15.83 20.32
N LEU A 14 18.08 16.43 20.16
CA LEU A 14 16.95 15.77 19.55
C LEU A 14 16.89 16.10 18.06
N GLY A 15 16.64 15.10 17.23
CA GLY A 15 16.36 15.35 15.83
C GLY A 15 14.87 15.58 15.61
N GLY A 16 14.56 16.56 14.76
CA GLY A 16 13.17 16.90 14.49
C GLY A 16 12.87 16.99 13.01
N LEU A 17 11.85 16.26 12.57
CA LEU A 17 11.45 16.24 11.16
C LEU A 17 10.01 16.73 11.06
N PHE A 18 9.82 17.89 10.42
CA PHE A 18 8.51 18.50 10.24
C PHE A 18 8.33 18.92 8.79
N SER A 19 7.09 18.84 8.30
CA SER A 19 6.77 19.24 6.92
C SER A 19 6.37 20.71 6.91
N LEU A 20 7.38 21.59 6.90
CA LEU A 20 7.13 23.02 6.82
C LEU A 20 6.63 23.43 5.44
N HIS A 21 7.16 22.83 4.38
CA HIS A 21 6.70 23.05 3.02
C HIS A 21 6.33 21.70 2.43
N ALA A 22 5.24 21.67 1.66
CA ALA A 22 4.74 20.41 1.13
C ALA A 22 4.02 20.65 -0.19
N ASN A 23 4.27 19.75 -1.14
CA ASN A 23 3.50 19.65 -2.37
C ASN A 23 3.26 18.17 -2.63
N MET A 24 2.05 17.82 -3.07
CA MET A 24 1.74 16.42 -3.29
C MET A 24 2.52 15.85 -4.46
N LYS A 25 2.85 16.68 -5.44
CA LYS A 25 3.74 16.31 -6.54
C LYS A 25 5.05 17.08 -6.36
N GLY A 26 6.16 16.35 -6.32
CA GLY A 26 7.42 16.98 -6.01
C GLY A 26 8.59 16.11 -6.42
N ILE A 27 9.78 16.71 -6.36
CA ILE A 27 11.02 16.06 -6.76
C ILE A 27 11.50 15.21 -5.58
N VAL A 28 11.41 13.90 -5.73
CA VAL A 28 11.87 12.99 -4.69
C VAL A 28 13.38 12.79 -4.75
N HIS A 29 13.97 12.90 -5.94
CA HIS A 29 15.37 12.57 -6.15
C HIS A 29 16.25 13.79 -6.04
N LEU A 30 17.57 13.59 -6.17
CA LEU A 30 18.51 14.71 -6.22
C LEU A 30 18.18 15.62 -7.39
N ASN A 31 18.16 16.93 -7.12
CA ASN A 31 17.82 17.93 -8.12
C ASN A 31 19.11 18.51 -8.68
N PHE A 32 19.42 18.19 -9.93
CA PHE A 32 20.70 18.55 -10.54
C PHE A 32 21.85 18.13 -9.62
N LEU A 33 21.70 16.97 -9.00
CA LEU A 33 22.68 16.43 -8.06
C LEU A 33 22.88 17.35 -6.86
N GLN A 34 21.80 17.98 -6.40
CA GLN A 34 21.79 18.68 -5.12
C GLN A 34 20.49 18.37 -4.40
N VAL A 35 20.53 18.47 -3.08
CA VAL A 35 19.36 18.08 -2.28
C VAL A 35 18.16 18.92 -2.69
N PRO A 36 16.96 18.35 -2.80
CA PRO A 36 15.80 19.14 -3.22
C PRO A 36 15.62 20.40 -2.40
N MET A 37 15.39 21.52 -3.10
CA MET A 37 15.08 22.78 -2.42
C MET A 37 13.63 22.76 -1.94
N CYS A 38 13.45 22.87 -0.62
CA CYS A 38 12.12 22.70 -0.03
C CYS A 38 11.26 23.95 -0.12
N LYS A 39 11.87 25.13 0.01
CA LYS A 39 11.10 26.37 0.16
C LYS A 39 10.25 26.70 -1.07
N GLU A 40 10.36 25.93 -2.15
CA GLU A 40 9.52 26.17 -3.32
C GLU A 40 8.06 25.76 -3.05
N TYR A 41 7.84 24.77 -2.18
CA TYR A 41 6.54 24.13 -2.04
C TYR A 41 5.65 24.86 -1.02
N GLU A 42 5.31 26.10 -1.34
CA GLU A 42 4.34 26.85 -0.54
C GLU A 42 4.84 26.90 0.91
N VAL A 43 3.92 26.90 1.87
CA VAL A 43 4.25 26.88 3.28
C VAL A 43 3.04 26.32 4.04
N LYS A 44 3.32 25.62 5.13
CA LYS A 44 2.30 24.93 5.92
C LYS A 44 2.21 25.56 7.31
N VAL A 45 1.00 26.00 7.68
CA VAL A 45 0.79 26.61 8.99
C VAL A 45 0.97 25.58 10.11
N ILE A 46 0.31 24.43 9.97
CA ILE A 46 0.29 23.44 11.06
C ILE A 46 1.68 22.87 11.30
N GLY A 47 2.45 22.65 10.22
CA GLY A 47 3.80 22.12 10.40
C GLY A 47 4.69 23.08 11.18
N TYR A 48 4.64 24.37 10.84
CA TYR A 48 5.38 25.36 11.61
C TYR A 48 4.88 25.43 13.04
N ASN A 49 3.56 25.29 13.23
CA ASN A 49 3.01 25.27 14.59
C ASN A 49 3.58 24.12 15.40
N LEU A 50 3.67 22.93 14.81
CA LEU A 50 4.22 21.78 15.52
C LEU A 50 5.72 21.95 15.79
N MET A 51 6.45 22.55 14.86
CA MET A 51 7.84 22.86 15.12
C MET A 51 7.97 23.79 16.31
N GLN A 52 7.13 24.83 16.36
CA GLN A 52 7.12 25.71 17.53
C GLN A 52 6.75 24.97 18.79
N ALA A 53 5.86 23.98 18.69
CA ALA A 53 5.50 23.19 19.86
C ALA A 53 6.72 22.44 20.40
N MET A 54 7.49 21.82 19.51
CA MET A 54 8.71 21.15 19.95
C MET A 54 9.70 22.12 20.58
N ARG A 55 9.89 23.28 19.93
CA ARG A 55 10.81 24.28 20.49
C ARG A 55 10.37 24.69 21.89
N PHE A 56 9.08 24.98 22.07
CA PHE A 56 8.56 25.35 23.37
C PHE A 56 8.76 24.25 24.39
N ALA A 57 8.54 22.99 23.98
CA ALA A 57 8.75 21.88 24.90
C ALA A 57 10.20 21.84 25.40
N VAL A 58 11.16 22.01 24.48
CA VAL A 58 12.56 21.95 24.93
C VAL A 58 12.90 23.14 25.80
N GLU A 59 12.36 24.33 25.49
CA GLU A 59 12.59 25.47 26.37
C GLU A 59 12.02 25.21 27.76
N GLU A 60 10.82 24.63 27.83
CA GLU A 60 10.24 24.25 29.11
C GLU A 60 11.17 23.31 29.89
N ILE A 61 11.67 22.27 29.22
CA ILE A 61 12.50 21.29 29.89
C ILE A 61 13.78 21.93 30.40
N ASN A 62 14.38 22.82 29.60
CA ASN A 62 15.59 23.50 30.06
C ASN A 62 15.30 24.44 31.23
N ASN A 63 14.10 25.02 31.28
CA ASN A 63 13.74 25.86 32.44
C ASN A 63 13.45 25.00 33.67
N ASP A 64 12.83 23.84 33.49
CA ASP A 64 12.44 22.97 34.60
C ASP A 64 13.69 22.26 35.13
N SER A 65 14.23 22.80 36.23
CA SER A 65 15.43 22.24 36.83
C SER A 65 15.21 20.84 37.42
N SER A 66 13.96 20.42 37.59
CA SER A 66 13.64 19.15 38.23
C SER A 66 13.69 17.96 37.28
N LEU A 67 13.76 18.20 35.97
CA LEU A 67 13.64 17.13 34.99
C LEU A 67 14.97 16.71 34.39
N LEU A 68 15.90 17.63 34.21
CA LEU A 68 17.26 17.31 33.76
C LEU A 68 18.22 18.31 34.38
N PRO A 69 18.44 18.22 35.70
CA PRO A 69 19.25 19.23 36.39
C PRO A 69 20.67 19.28 35.85
N GLY A 70 21.09 20.48 35.45
CA GLY A 70 22.45 20.68 34.98
C GLY A 70 22.77 20.07 33.64
N VAL A 71 21.80 19.48 32.95
CA VAL A 71 21.99 18.94 31.61
C VAL A 71 21.21 19.78 30.62
N LEU A 72 21.90 20.26 29.58
CA LEU A 72 21.29 21.10 28.57
C LEU A 72 20.78 20.25 27.42
N LEU A 73 19.50 20.38 27.12
CA LEU A 73 18.86 19.65 26.03
C LEU A 73 18.74 20.55 24.81
N GLY A 74 19.16 20.04 23.66
CA GLY A 74 19.13 20.79 22.42
C GLY A 74 18.36 20.04 21.34
N TYR A 75 18.19 20.72 20.21
CA TYR A 75 17.47 20.17 19.09
C TYR A 75 18.18 20.51 17.78
N GLU A 76 17.96 19.66 16.79
CA GLU A 76 18.51 19.84 15.43
C GLU A 76 17.35 19.57 14.48
N ILE A 77 16.71 20.62 13.99
CA ILE A 77 15.43 20.50 13.30
C ILE A 77 15.66 20.60 11.80
N VAL A 78 15.09 19.64 11.06
CA VAL A 78 15.17 19.62 9.61
C VAL A 78 13.77 19.37 9.07
N ASP A 79 13.39 20.13 8.05
CA ASP A 79 12.05 20.06 7.50
C ASP A 79 12.01 19.07 6.35
N VAL A 80 11.36 17.92 6.56
CA VAL A 80 11.01 17.09 5.42
C VAL A 80 10.01 17.85 4.57
N CYS A 81 9.80 17.37 3.35
CA CYS A 81 9.01 18.06 2.34
C CYS A 81 7.94 17.11 1.80
N TYR A 82 7.19 16.51 2.72
CA TYR A 82 6.39 15.31 2.47
C TYR A 82 7.37 14.22 2.04
N ILE A 83 7.14 13.50 0.94
CA ILE A 83 7.99 12.36 0.59
C ILE A 83 9.33 12.78 0.05
N SER A 84 9.53 14.05 -0.26
CA SER A 84 10.82 14.55 -0.73
C SER A 84 11.69 14.96 0.45
N ASN A 85 13.02 14.84 0.27
CA ASN A 85 13.99 15.14 1.31
C ASN A 85 13.79 14.26 2.54
N ASN A 86 13.88 12.95 2.34
CA ASN A 86 13.73 11.97 3.40
C ASN A 86 15.06 11.34 3.84
N VAL A 87 16.02 11.24 2.92
CA VAL A 87 17.23 10.47 3.15
C VAL A 87 18.31 11.31 3.81
N GLN A 88 18.61 12.47 3.22
CA GLN A 88 19.70 13.31 3.72
C GLN A 88 19.50 13.71 5.18
N PRO A 89 18.30 14.04 5.65
CA PRO A 89 18.14 14.33 7.08
C PRO A 89 18.58 13.16 7.97
N VAL A 90 18.26 11.93 7.57
CA VAL A 90 18.66 10.76 8.37
C VAL A 90 20.17 10.60 8.33
N LEU A 91 20.76 10.69 7.14
CA LEU A 91 22.21 10.58 7.02
C LEU A 91 22.92 11.65 7.86
N TYR A 92 22.36 12.86 7.88
CA TYR A 92 22.94 13.95 8.66
C TYR A 92 22.79 13.70 10.16
N PHE A 93 21.65 13.16 10.58
CA PHE A 93 21.46 12.87 12.00
C PHE A 93 22.38 11.74 12.47
N LEU A 94 22.62 10.73 11.65
CA LEU A 94 23.43 9.59 12.06
C LEU A 94 24.92 9.83 11.91
N ALA A 95 25.32 10.79 11.09
CA ALA A 95 26.74 10.97 10.78
C ALA A 95 27.51 11.50 11.98
N HIS A 96 28.83 11.37 11.90
CA HIS A 96 29.73 11.88 12.92
C HIS A 96 29.91 13.40 12.73
N GLU A 97 30.71 14.01 13.60
CA GLU A 97 30.87 15.46 13.57
C GLU A 97 31.42 15.97 12.24
N ASP A 98 32.07 15.12 11.45
CA ASP A 98 32.57 15.52 10.14
C ASP A 98 31.68 15.05 8.99
N ASN A 99 30.42 14.71 9.29
CA ASN A 99 29.42 14.40 8.28
C ASN A 99 29.73 13.12 7.50
N LEU A 100 30.52 12.22 8.08
CA LEU A 100 30.74 10.90 7.51
C LEU A 100 30.13 9.84 8.42
N LEU A 101 29.44 8.88 7.80
CA LEU A 101 28.79 7.80 8.53
C LEU A 101 29.51 6.49 8.23
N PRO A 102 30.22 5.90 9.19
CA PRO A 102 30.94 4.65 8.89
C PRO A 102 30.00 3.45 8.92
N ILE A 103 30.21 2.55 7.96
CA ILE A 103 29.49 1.28 7.94
C ILE A 103 30.26 0.28 8.80
N GLN A 104 29.56 -0.35 9.74
CA GLN A 104 30.18 -1.26 10.68
C GLN A 104 29.30 -2.48 10.90
N GLU A 105 29.94 -3.58 11.31
CA GLU A 105 29.19 -4.80 11.60
C GLU A 105 28.32 -4.64 12.83
N ASP A 106 28.85 -4.04 13.89
CA ASP A 106 28.13 -3.85 15.14
C ASP A 106 28.21 -2.39 15.54
N TYR A 107 27.06 -1.78 15.81
CA TYR A 107 26.95 -0.35 16.10
C TYR A 107 26.75 -0.04 17.57
N SER A 108 26.86 -1.02 18.47
CA SER A 108 26.45 -0.82 19.85
C SER A 108 27.25 0.29 20.54
N ASN A 109 28.47 0.55 20.11
CA ASN A 109 29.31 1.58 20.70
C ASN A 109 29.31 2.88 19.91
N TYR A 110 28.52 2.98 18.86
CA TYR A 110 28.56 4.13 17.96
C TYR A 110 27.73 5.28 18.52
N SER A 111 28.37 6.45 18.69
CA SER A 111 27.71 7.64 19.22
C SER A 111 27.27 8.52 18.05
N SER A 112 25.99 8.47 17.72
CA SER A 112 25.45 9.32 16.66
C SER A 112 25.29 10.75 17.14
N ARG A 113 25.03 11.65 16.19
CA ARG A 113 24.90 13.06 16.51
C ARG A 113 23.72 13.32 17.44
N VAL A 114 22.58 12.71 17.16
CA VAL A 114 21.36 12.91 17.93
C VAL A 114 21.01 11.60 18.63
N VAL A 115 20.30 11.74 19.76
CA VAL A 115 19.93 10.59 20.57
C VAL A 115 18.51 10.10 20.30
N ALA A 116 17.62 10.96 19.78
CA ALA A 116 16.28 10.54 19.43
C ALA A 116 15.74 11.47 18.34
N VAL A 117 14.81 10.94 17.55
CA VAL A 117 14.23 11.67 16.42
C VAL A 117 12.74 11.83 16.67
N ILE A 118 12.26 13.06 16.65
CA ILE A 118 10.82 13.35 16.69
C ILE A 118 10.32 13.30 15.26
N GLY A 119 9.75 12.17 14.87
CA GLY A 119 9.64 11.79 13.48
C GLY A 119 8.59 12.55 12.68
N PRO A 120 8.54 12.27 11.38
CA PRO A 120 7.69 13.05 10.48
C PRO A 120 6.21 12.95 10.80
N ASP A 121 5.45 13.88 10.22
CA ASP A 121 4.01 13.94 10.43
C ASP A 121 3.22 12.95 9.56
N ASN A 122 3.84 12.37 8.54
CA ASN A 122 3.14 11.55 7.56
C ASN A 122 3.72 10.14 7.51
N SER A 123 2.88 9.19 7.08
CA SER A 123 3.19 7.77 7.21
C SER A 123 4.34 7.33 6.31
N GLU A 124 4.33 7.72 5.04
CA GLU A 124 5.36 7.26 4.11
C GLU A 124 6.75 7.68 4.60
N SER A 125 6.90 8.94 4.99
CA SER A 125 8.18 9.41 5.52
C SER A 125 8.53 8.66 6.81
N VAL A 126 7.54 8.40 7.66
CA VAL A 126 7.81 7.70 8.92
C VAL A 126 8.41 6.33 8.65
N MET A 127 7.77 5.54 7.77
CA MET A 127 8.30 4.21 7.47
C MET A 127 9.66 4.31 6.79
N THR A 128 9.83 5.25 5.86
CA THR A 128 11.10 5.38 5.16
C THR A 128 12.23 5.68 6.13
N VAL A 129 11.99 6.56 7.11
CA VAL A 129 13.02 6.87 8.10
C VAL A 129 13.23 5.71 9.05
N ALA A 130 12.14 5.03 9.46
CA ALA A 130 12.27 3.91 10.37
C ALA A 130 13.11 2.79 9.77
N ASN A 131 13.07 2.63 8.44
CA ASN A 131 13.90 1.62 7.81
C ASN A 131 15.38 1.84 8.12
N PHE A 132 15.85 3.08 8.02
CA PHE A 132 17.22 3.40 8.39
C PHE A 132 17.43 3.27 9.89
N LEU A 133 16.55 3.89 10.69
CA LEU A 133 16.81 4.01 12.12
C LEU A 133 16.77 2.66 12.82
N SER A 134 16.04 1.68 12.28
CA SER A 134 16.06 0.34 12.86
C SER A 134 17.44 -0.30 12.77
N LEU A 135 18.25 0.10 11.78
CA LEU A 135 19.60 -0.42 11.68
C LEU A 135 20.41 -0.07 12.93
N PHE A 136 20.31 1.18 13.38
CA PHE A 136 21.02 1.62 14.58
C PHE A 136 20.20 1.48 15.85
N LEU A 137 18.90 1.19 15.74
CA LEU A 137 18.00 1.18 16.89
C LEU A 137 18.00 2.54 17.59
N LEU A 138 18.01 3.59 16.80
CA LEU A 138 17.84 4.93 17.31
C LEU A 138 16.35 5.24 17.45
N PRO A 139 15.86 5.58 18.64
CA PRO A 139 14.41 5.69 18.83
C PRO A 139 13.80 6.77 17.96
N GLN A 140 12.59 6.49 17.46
CA GLN A 140 11.83 7.45 16.66
C GLN A 140 10.42 7.53 17.24
N ILE A 141 10.07 8.69 17.79
CA ILE A 141 8.74 8.96 18.29
C ILE A 141 7.99 9.79 17.26
N THR A 142 6.83 9.30 16.84
CA THR A 142 6.04 9.89 15.77
C THR A 142 4.75 10.46 16.37
N TYR A 143 4.40 11.68 15.97
CA TYR A 143 3.29 12.36 16.61
C TYR A 143 1.97 12.28 15.87
N SER A 144 1.97 12.10 14.54
CA SER A 144 0.70 12.19 13.81
C SER A 144 0.51 11.15 12.70
N ALA A 145 1.31 10.08 12.66
CA ALA A 145 1.13 9.05 11.65
C ALA A 145 0.21 7.96 12.21
N ILE A 146 -0.95 7.78 11.57
CA ILE A 146 -1.97 6.87 12.08
C ILE A 146 -1.95 5.49 11.45
N SER A 147 -1.13 5.25 10.42
CA SER A 147 -1.14 3.97 9.72
C SER A 147 -0.97 2.82 10.69
N ASP A 148 -1.72 1.74 10.46
CA ASP A 148 -1.68 0.58 11.35
C ASP A 148 -0.39 -0.21 11.22
N GLU A 149 0.26 -0.19 10.06
CA GLU A 149 1.46 -1.00 9.86
C GLU A 149 2.56 -0.66 10.85
N LEU A 150 2.52 0.55 11.44
CA LEU A 150 3.52 0.96 12.40
C LEU A 150 3.45 0.16 13.70
N ARG A 151 2.38 -0.59 13.93
CA ARG A 151 2.29 -1.43 15.12
C ARG A 151 3.10 -2.72 15.00
N ASP A 152 3.64 -3.02 13.82
CA ASP A 152 4.49 -4.20 13.63
C ASP A 152 5.88 -3.89 14.15
N LYS A 153 6.22 -4.46 15.31
CA LYS A 153 7.51 -4.22 15.92
C LYS A 153 8.59 -5.18 15.45
N VAL A 154 8.27 -6.12 14.57
CA VAL A 154 9.30 -6.84 13.83
C VAL A 154 9.87 -5.96 12.72
N ARG A 155 8.99 -5.28 11.98
CA ARG A 155 9.42 -4.35 10.94
C ARG A 155 10.01 -3.08 11.54
N PHE A 156 9.39 -2.54 12.59
CA PHE A 156 9.74 -1.24 13.15
C PHE A 156 10.03 -1.37 14.64
N PRO A 157 11.17 -1.96 15.01
CA PRO A 157 11.47 -2.15 16.44
C PRO A 157 11.73 -0.87 17.23
N ALA A 158 12.02 0.25 16.56
CA ALA A 158 12.40 1.49 17.24
C ALA A 158 11.36 2.59 17.12
N LEU A 159 10.17 2.27 16.63
CA LEU A 159 9.16 3.27 16.31
C LEU A 159 8.06 3.29 17.38
N LEU A 160 7.77 4.47 17.91
CA LEU A 160 6.69 4.66 18.88
C LEU A 160 5.82 5.83 18.43
N ARG A 161 4.64 5.94 19.02
CA ARG A 161 3.68 6.99 18.67
C ARG A 161 3.08 7.61 19.93
N THR A 162 2.75 8.89 19.84
CA THR A 162 1.99 9.59 20.87
C THR A 162 0.57 9.90 20.40
N THR A 163 0.00 9.03 19.57
CA THR A 163 -1.33 9.27 19.01
C THR A 163 -2.01 7.95 18.75
N PRO A 164 -3.34 7.89 18.83
CA PRO A 164 -4.05 6.65 18.50
C PRO A 164 -3.87 6.25 17.04
N SER A 165 -4.17 4.99 16.75
CA SER A 165 -4.00 4.42 15.43
C SER A 165 -5.18 4.78 14.52
N ALA A 166 -5.04 4.45 13.23
CA ALA A 166 -6.13 4.69 12.28
C ALA A 166 -7.38 3.89 12.63
N ASP A 167 -7.22 2.71 13.22
CA ASP A 167 -8.37 1.89 13.58
C ASP A 167 -9.29 2.65 14.51
N HIS A 168 -8.74 3.41 15.46
CA HIS A 168 -9.58 4.15 16.40
C HIS A 168 -10.32 5.28 15.70
N HIS A 169 -9.68 5.96 14.76
CA HIS A 169 -10.38 7.00 14.00
C HIS A 169 -11.54 6.42 13.22
N ILE A 170 -11.32 5.30 12.55
CA ILE A 170 -12.41 4.69 11.77
C ILE A 170 -13.51 4.18 12.70
N GLU A 171 -13.13 3.68 13.87
CA GLU A 171 -14.12 3.27 14.86
C GLU A 171 -14.97 4.45 15.32
N ALA A 172 -14.33 5.61 15.55
CA ALA A 172 -15.08 6.81 15.90
C ALA A 172 -16.05 7.19 14.79
N MET A 173 -15.59 7.15 13.54
CA MET A 173 -16.47 7.44 12.42
C MET A 173 -17.68 6.51 12.41
N VAL A 174 -17.42 5.20 12.50
CA VAL A 174 -18.49 4.21 12.41
C VAL A 174 -19.49 4.39 13.54
N GLN A 175 -19.00 4.59 14.77
CA GLN A 175 -19.91 4.73 15.90
C GLN A 175 -20.71 6.03 15.83
N LEU A 176 -20.10 7.11 15.33
CA LEU A 176 -20.88 8.33 15.09
C LEU A 176 -21.99 8.06 14.08
N MET A 177 -21.68 7.37 12.99
CA MET A 177 -22.69 7.09 11.99
C MET A 177 -23.79 6.21 12.53
N LEU A 178 -23.45 5.23 13.38
CA LEU A 178 -24.46 4.35 13.96
C LEU A 178 -25.35 5.10 14.95
N HIS A 179 -24.77 6.00 15.74
CA HIS A 179 -25.56 6.71 16.74
C HIS A 179 -26.70 7.48 16.09
N PHE A 180 -26.39 8.23 15.03
CA PHE A 180 -27.40 8.97 14.29
C PHE A 180 -28.05 8.16 13.18
N ARG A 181 -27.74 6.88 13.08
CA ARG A 181 -28.47 5.96 12.21
C ARG A 181 -28.31 6.33 10.73
N TRP A 182 -27.07 6.60 10.32
CA TRP A 182 -26.75 6.86 8.91
C TRP A 182 -26.30 5.55 8.28
N ASN A 183 -27.23 4.89 7.58
CA ASN A 183 -26.97 3.60 6.93
C ASN A 183 -26.41 3.73 5.53
N TRP A 184 -26.34 4.95 4.98
CA TRP A 184 -26.21 5.16 3.55
C TRP A 184 -25.27 6.35 3.34
N ILE A 185 -24.04 6.08 2.88
CA ILE A 185 -22.98 7.08 2.91
C ILE A 185 -22.19 7.07 1.60
N ILE A 186 -21.36 8.11 1.45
CA ILE A 186 -20.44 8.24 0.33
C ILE A 186 -19.04 8.43 0.90
N VAL A 187 -18.04 7.88 0.21
CA VAL A 187 -16.65 7.99 0.60
C VAL A 187 -15.87 8.61 -0.56
N LEU A 188 -15.14 9.68 -0.28
CA LEU A 188 -14.25 10.31 -1.25
C LEU A 188 -12.82 10.19 -0.74
N VAL A 189 -11.91 9.76 -1.62
CA VAL A 189 -10.53 9.48 -1.24
C VAL A 189 -9.60 10.23 -2.18
N SER A 190 -8.40 10.55 -1.68
CA SER A 190 -7.36 11.14 -2.51
C SER A 190 -6.64 10.06 -3.31
N ASN A 191 -5.95 10.51 -4.37
CA ASN A 191 -5.22 9.60 -5.25
C ASN A 191 -3.83 9.28 -4.69
N ASP A 192 -3.76 8.76 -3.47
CA ASP A 192 -2.47 8.44 -2.86
C ASP A 192 -2.69 7.38 -1.78
N THR A 193 -1.59 6.99 -1.12
CA THR A 193 -1.64 5.89 -0.17
C THR A 193 -2.60 6.19 0.97
N TYR A 194 -2.60 7.42 1.47
CA TYR A 194 -3.45 7.76 2.61
C TYR A 194 -4.91 7.48 2.31
N GLY A 195 -5.41 8.03 1.20
CA GLY A 195 -6.82 7.84 0.87
C GLY A 195 -7.18 6.40 0.62
N ARG A 196 -6.37 5.71 -0.18
CA ARG A 196 -6.67 4.32 -0.51
C ARG A 196 -6.69 3.46 0.76
N ASP A 197 -5.66 3.59 1.59
CA ASP A 197 -5.57 2.76 2.79
C ASP A 197 -6.73 3.04 3.73
N ASN A 198 -7.00 4.33 4.01
CA ASN A 198 -8.05 4.65 4.96
C ASN A 198 -9.44 4.30 4.41
N GLY A 199 -9.68 4.51 3.13
CA GLY A 199 -10.96 4.11 2.55
C GLY A 199 -11.16 2.61 2.59
N GLN A 200 -10.11 1.85 2.30
CA GLN A 200 -10.20 0.40 2.39
C GLN A 200 -10.48 -0.05 3.83
N LEU A 201 -9.82 0.59 4.80
CA LEU A 201 -10.07 0.24 6.19
C LEU A 201 -11.50 0.56 6.59
N LEU A 202 -12.01 1.73 6.17
CA LEU A 202 -13.39 2.07 6.46
C LEU A 202 -14.34 1.07 5.82
N GLY A 203 -14.08 0.68 4.58
CA GLY A 203 -14.91 -0.33 3.94
C GLY A 203 -14.92 -1.63 4.71
N GLU A 204 -13.74 -2.09 5.15
CA GLU A 204 -13.67 -3.33 5.90
C GLU A 204 -14.50 -3.24 7.18
N ARG A 205 -14.33 -2.17 7.95
CA ARG A 205 -15.05 -2.07 9.21
C ARG A 205 -16.55 -1.82 8.99
N VAL A 206 -16.91 -1.13 7.90
CA VAL A 206 -18.32 -0.88 7.60
C VAL A 206 -19.03 -2.17 7.22
N ALA A 207 -18.34 -3.05 6.48
CA ALA A 207 -19.00 -4.25 5.97
C ALA A 207 -19.64 -5.07 7.09
N ARG A 208 -19.06 -5.05 8.29
CA ARG A 208 -19.52 -5.89 9.39
C ARG A 208 -20.53 -5.20 10.31
N ARG A 209 -20.91 -3.95 10.04
CA ARG A 209 -21.68 -3.15 10.99
C ARG A 209 -23.07 -2.77 10.50
N GLY A 210 -23.45 -3.10 9.27
CA GLY A 210 -24.77 -2.73 8.79
C GLY A 210 -24.85 -1.36 8.16
N ILE A 211 -23.75 -0.85 7.62
CA ILE A 211 -23.72 0.40 6.88
C ILE A 211 -23.29 0.11 5.46
N CYS A 212 -23.87 0.84 4.50
CA CYS A 212 -23.64 0.59 3.09
C CYS A 212 -23.10 1.86 2.45
N ILE A 213 -22.24 1.68 1.45
CA ILE A 213 -21.58 2.78 0.76
C ILE A 213 -22.20 2.93 -0.61
N ALA A 214 -22.68 4.14 -0.92
CA ALA A 214 -23.23 4.38 -2.26
C ALA A 214 -22.15 4.25 -3.32
N PHE A 215 -21.01 4.90 -3.11
CA PHE A 215 -19.86 4.73 -4.00
C PHE A 215 -18.63 5.34 -3.35
N GLN A 216 -17.48 4.87 -3.82
CA GLN A 216 -16.17 5.39 -3.41
C GLN A 216 -15.50 5.98 -4.63
N GLU A 217 -15.05 7.23 -4.52
CA GLU A 217 -14.62 8.01 -5.66
C GLU A 217 -13.30 8.70 -5.35
N THR A 218 -12.42 8.76 -6.34
CA THR A 218 -11.07 9.27 -6.17
C THR A 218 -10.97 10.68 -6.73
N LEU A 219 -10.44 11.60 -5.91
CA LEU A 219 -10.25 12.98 -6.34
C LEU A 219 -8.91 13.11 -7.08
N PRO A 220 -8.83 14.01 -8.05
CA PRO A 220 -7.53 14.29 -8.69
C PRO A 220 -6.63 15.11 -7.79
N THR A 221 -5.32 14.91 -7.94
CA THR A 221 -4.32 15.60 -7.13
C THR A 221 -4.03 16.99 -7.68
N LEU A 222 -4.98 17.89 -7.49
CA LEU A 222 -4.79 19.28 -7.88
C LEU A 222 -4.05 20.06 -6.80
N GLN A 223 -3.67 21.29 -7.14
CA GLN A 223 -2.98 22.18 -6.22
C GLN A 223 -3.67 23.54 -6.21
N PRO A 224 -3.79 24.18 -5.03
CA PRO A 224 -4.59 25.41 -4.96
C PRO A 224 -4.17 26.50 -5.91
N ASN A 225 -2.88 26.77 -6.04
CA ASN A 225 -2.39 27.88 -6.86
C ASN A 225 -2.08 27.46 -8.29
N GLN A 226 -2.49 26.26 -8.69
CA GLN A 226 -2.21 25.74 -10.03
C GLN A 226 -3.50 25.77 -10.85
N ASN A 227 -3.45 26.42 -12.01
CA ASN A 227 -4.58 26.41 -12.91
C ASN A 227 -4.73 25.02 -13.52
N MET A 228 -5.96 24.51 -13.50
CA MET A 228 -6.23 23.13 -13.88
C MET A 228 -6.54 23.02 -15.37
N THR A 229 -6.39 21.80 -15.87
CA THR A 229 -6.79 21.48 -17.24
C THR A 229 -8.31 21.35 -17.33
N SER A 230 -8.82 21.44 -18.56
CA SER A 230 -10.24 21.21 -18.78
C SER A 230 -10.64 19.78 -18.41
N GLU A 231 -9.76 18.83 -18.67
CA GLU A 231 -10.04 17.43 -18.31
C GLU A 231 -10.27 17.29 -16.80
N GLU A 232 -9.39 17.86 -15.99
CA GLU A 232 -9.56 17.79 -14.54
C GLU A 232 -10.80 18.55 -14.09
N ARG A 233 -11.12 19.66 -14.73
CA ARG A 233 -12.34 20.38 -14.41
C ARG A 233 -13.57 19.52 -14.66
N GLN A 234 -13.58 18.81 -15.79
CA GLN A 234 -14.69 17.91 -16.08
C GLN A 234 -14.71 16.72 -15.11
N ARG A 235 -13.55 16.26 -14.67
CA ARG A 235 -13.50 15.21 -13.66
C ARG A 235 -14.16 15.67 -12.36
N LEU A 236 -13.81 16.87 -11.90
CA LEU A 236 -14.43 17.41 -10.69
C LEU A 236 -15.94 17.59 -10.89
N VAL A 237 -16.34 18.12 -12.05
CA VAL A 237 -17.76 18.29 -12.33
C VAL A 237 -18.48 16.95 -12.29
N THR A 238 -17.86 15.91 -12.83
CA THR A 238 -18.44 14.58 -12.79
C THR A 238 -18.64 14.11 -11.36
N ILE A 239 -17.64 14.29 -10.51
CA ILE A 239 -17.75 13.87 -9.12
C ILE A 239 -18.89 14.63 -8.43
N VAL A 240 -18.95 15.94 -8.64
CA VAL A 240 -19.96 16.74 -7.96
C VAL A 240 -21.35 16.39 -8.47
N ASP A 241 -21.49 16.11 -9.77
CA ASP A 241 -22.77 15.68 -10.31
C ASP A 241 -23.19 14.33 -9.76
N LYS A 242 -22.23 13.41 -9.59
CA LYS A 242 -22.57 12.13 -8.99
C LYS A 242 -23.03 12.31 -7.55
N LEU A 243 -22.40 13.23 -6.81
CA LEU A 243 -22.91 13.59 -5.49
C LEU A 243 -24.33 14.14 -5.57
N GLN A 244 -24.59 15.00 -6.57
CA GLN A 244 -25.86 15.70 -6.65
C GLN A 244 -27.02 14.73 -6.82
N GLN A 245 -26.85 13.71 -7.66
CA GLN A 245 -27.93 12.78 -7.99
C GLN A 245 -28.08 11.65 -6.99
N SER A 246 -27.21 11.56 -5.99
CA SER A 246 -27.25 10.47 -5.02
C SER A 246 -28.16 10.83 -3.85
N THR A 247 -28.78 9.80 -3.27
CA THR A 247 -29.62 9.98 -2.09
C THR A 247 -28.84 9.95 -0.78
N ALA A 248 -27.58 9.54 -0.80
CA ALA A 248 -26.74 9.51 0.40
C ALA A 248 -26.22 10.91 0.68
N ARG A 249 -26.68 11.51 1.79
CA ARG A 249 -26.33 12.87 2.14
C ARG A 249 -25.21 12.94 3.19
N VAL A 250 -24.52 11.84 3.45
CA VAL A 250 -23.38 11.81 4.35
C VAL A 250 -22.16 11.45 3.52
N VAL A 251 -21.14 12.30 3.59
CA VAL A 251 -19.94 12.16 2.77
C VAL A 251 -18.73 12.12 3.70
N VAL A 252 -17.91 11.08 3.56
CA VAL A 252 -16.69 10.91 4.35
C VAL A 252 -15.52 11.19 3.43
N VAL A 253 -14.64 12.11 3.83
CA VAL A 253 -13.53 12.55 2.98
C VAL A 253 -12.22 12.12 3.61
N PHE A 254 -11.43 11.34 2.87
CA PHE A 254 -10.06 10.99 3.21
C PHE A 254 -9.14 11.66 2.19
N SER A 255 -8.69 12.88 2.51
CA SER A 255 -7.90 13.64 1.56
C SER A 255 -6.99 14.62 2.30
N PRO A 256 -5.83 14.97 1.72
CA PRO A 256 -5.09 16.14 2.21
C PRO A 256 -5.89 17.42 2.06
N ASP A 257 -5.44 18.50 2.70
CA ASP A 257 -6.14 19.78 2.56
C ASP A 257 -5.91 20.40 1.18
N LEU A 258 -4.69 20.24 0.63
CA LEU A 258 -4.36 20.88 -0.64
C LEU A 258 -5.32 20.47 -1.76
N THR A 259 -5.66 19.18 -1.83
CA THR A 259 -6.47 18.67 -2.93
C THR A 259 -7.94 19.05 -2.81
N LEU A 260 -8.40 19.58 -1.67
CA LEU A 260 -9.80 19.87 -1.47
C LEU A 260 -10.20 21.28 -1.87
N TYR A 261 -9.25 22.22 -1.93
CA TYR A 261 -9.60 23.61 -2.23
C TYR A 261 -10.37 23.72 -3.53
N HIS A 262 -9.89 23.09 -4.60
CA HIS A 262 -10.60 23.10 -5.87
C HIS A 262 -11.92 22.35 -5.77
N PHE A 263 -11.94 21.23 -5.03
CA PHE A 263 -13.14 20.43 -4.95
C PHE A 263 -14.31 21.22 -4.39
N PHE A 264 -14.13 21.78 -3.19
CA PHE A 264 -15.22 22.49 -2.55
C PHE A 264 -15.65 23.72 -3.36
N ASN A 265 -14.67 24.44 -3.92
CA ASN A 265 -15.02 25.54 -4.83
C ASN A 265 -16.00 25.05 -5.89
N GLU A 266 -15.70 23.92 -6.52
CA GLU A 266 -16.62 23.39 -7.52
C GLU A 266 -17.98 23.14 -6.89
N VAL A 267 -18.00 22.46 -5.74
CA VAL A 267 -19.27 22.16 -5.07
C VAL A 267 -20.03 23.45 -4.81
N LEU A 268 -19.31 24.54 -4.53
CA LEU A 268 -19.98 25.82 -4.29
C LEU A 268 -20.68 26.31 -5.53
N ARG A 269 -19.98 26.32 -6.67
CA ARG A 269 -20.59 26.88 -7.88
C ARG A 269 -21.66 25.97 -8.47
N GLN A 270 -21.67 24.69 -8.09
CA GLN A 270 -22.71 23.77 -8.52
C GLN A 270 -23.99 23.89 -7.69
N ASN A 271 -24.02 24.76 -6.69
CA ASN A 271 -25.21 24.99 -5.86
C ASN A 271 -25.60 23.75 -5.07
N PHE A 272 -24.65 22.86 -4.83
CA PHE A 272 -24.89 21.70 -3.98
C PHE A 272 -24.97 22.12 -2.53
N THR A 273 -25.96 21.59 -1.81
CA THR A 273 -26.12 21.89 -0.40
C THR A 273 -26.86 20.77 0.28
N GLY A 274 -26.73 20.72 1.61
CA GLY A 274 -27.48 19.79 2.42
C GLY A 274 -26.84 18.42 2.58
N ALA A 275 -25.58 18.39 3.01
CA ALA A 275 -24.88 17.15 3.29
C ALA A 275 -24.06 17.30 4.57
N VAL A 276 -23.80 16.17 5.21
CA VAL A 276 -22.92 16.11 6.38
C VAL A 276 -21.54 15.69 5.90
N TRP A 277 -20.57 16.57 6.07
CA TRP A 277 -19.19 16.31 5.65
C TRP A 277 -18.39 15.85 6.86
N ILE A 278 -17.88 14.62 6.80
CA ILE A 278 -17.08 14.03 7.86
C ILE A 278 -15.62 14.07 7.41
N ALA A 279 -14.86 14.91 8.08
CA ALA A 279 -13.45 15.12 7.77
C ALA A 279 -12.57 14.15 8.54
N SER A 280 -11.58 13.60 7.87
CA SER A 280 -10.52 12.88 8.56
C SER A 280 -9.51 13.86 9.11
N GLU A 281 -8.67 13.38 10.04
CA GLU A 281 -7.74 14.26 10.74
C GLU A 281 -6.79 14.99 9.81
N SER A 282 -6.60 14.50 8.57
CA SER A 282 -5.71 15.19 7.64
C SER A 282 -6.19 16.62 7.34
N TRP A 283 -7.50 16.88 7.39
CA TRP A 283 -8.02 18.23 7.20
C TRP A 283 -9.08 18.63 8.20
N ALA A 284 -9.30 17.86 9.28
CA ALA A 284 -10.39 18.16 10.20
C ALA A 284 -10.20 19.48 10.93
N ILE A 285 -8.97 19.96 11.11
CA ILE A 285 -8.72 21.16 11.89
C ILE A 285 -7.86 22.15 11.11
N ASP A 286 -7.90 22.07 9.79
CA ASP A 286 -7.08 22.95 8.96
C ASP A 286 -7.61 24.38 9.01
N PRO A 287 -6.82 25.36 9.46
CA PRO A 287 -7.31 26.76 9.45
C PRO A 287 -7.68 27.27 8.06
N VAL A 288 -6.91 26.91 7.03
CA VAL A 288 -7.09 27.55 5.73
C VAL A 288 -8.44 27.19 5.14
N LEU A 289 -8.78 25.90 5.12
CA LEU A 289 -10.08 25.49 4.60
C LEU A 289 -11.21 26.09 5.42
N HIS A 290 -10.99 26.28 6.72
CA HIS A 290 -12.00 26.89 7.56
C HIS A 290 -12.28 28.33 7.16
N ASN A 291 -11.25 29.03 6.67
CA ASN A 291 -11.37 30.45 6.33
C ASN A 291 -12.19 30.68 5.06
N LEU A 292 -12.58 29.63 4.34
CA LEU A 292 -13.47 29.78 3.19
C LEU A 292 -14.86 30.11 3.70
N THR A 293 -15.15 31.40 3.85
CA THR A 293 -16.31 31.83 4.63
C THR A 293 -17.62 31.27 4.09
N GLU A 294 -17.78 31.22 2.77
CA GLU A 294 -19.02 30.71 2.18
C GLU A 294 -19.12 29.19 2.21
N LEU A 295 -18.03 28.50 2.53
CA LEU A 295 -18.09 27.05 2.69
C LEU A 295 -19.18 26.63 3.66
N ARG A 296 -19.58 27.54 4.56
CA ARG A 296 -20.59 27.23 5.56
C ARG A 296 -21.96 26.97 4.94
N HIS A 297 -22.15 27.26 3.66
CA HIS A 297 -23.43 27.00 3.00
C HIS A 297 -23.55 25.59 2.45
N LEU A 298 -22.47 24.81 2.44
CA LEU A 298 -22.50 23.47 1.89
C LEU A 298 -23.10 22.44 2.83
N GLY A 299 -23.36 22.79 4.09
CA GLY A 299 -23.97 21.86 5.03
C GLY A 299 -23.31 21.85 6.40
N THR A 300 -23.24 20.68 7.02
CA THR A 300 -22.66 20.52 8.34
C THR A 300 -21.28 19.87 8.22
N PHE A 301 -20.30 20.47 8.88
CA PHE A 301 -18.92 20.02 8.78
C PHE A 301 -18.46 19.43 10.11
N LEU A 302 -18.23 18.12 10.12
CA LEU A 302 -17.73 17.40 11.27
C LEU A 302 -16.39 16.77 10.93
N GLY A 303 -15.59 16.54 11.95
CA GLY A 303 -14.24 16.03 11.75
C GLY A 303 -13.79 15.20 12.93
N ILE A 304 -12.88 14.27 12.67
CA ILE A 304 -12.26 13.44 13.70
C ILE A 304 -10.88 14.02 13.97
N THR A 305 -10.53 14.20 15.25
CA THR A 305 -9.26 14.80 15.57
C THR A 305 -8.85 14.38 16.98
N ILE A 306 -7.69 14.87 17.41
CA ILE A 306 -7.22 14.60 18.76
C ILE A 306 -7.95 15.50 19.75
N GLN A 307 -8.01 15.04 21.00
CA GLN A 307 -8.62 15.82 22.07
C GLN A 307 -7.81 17.10 22.33
N SER A 308 -8.49 18.12 22.86
CA SER A 308 -7.82 19.34 23.25
C SER A 308 -7.18 19.17 24.63
N VAL A 309 -5.91 19.51 24.73
CA VAL A 309 -5.21 19.58 26.02
C VAL A 309 -4.50 20.93 26.09
N PRO A 310 -5.08 21.94 26.76
CA PRO A 310 -4.50 23.28 26.69
C PRO A 310 -3.11 23.32 27.32
N ILE A 311 -2.16 23.89 26.60
CA ILE A 311 -0.79 24.05 27.07
C ILE A 311 -0.65 25.48 27.59
N PRO A 312 -0.39 25.68 28.89
CA PRO A 312 -0.13 27.05 29.37
C PRO A 312 1.17 27.58 28.81
N GLY A 313 1.12 28.83 28.33
CA GLY A 313 2.30 29.52 27.85
C GLY A 313 2.65 29.31 26.40
N PHE A 314 2.09 28.30 25.74
CA PHE A 314 2.40 28.07 24.33
C PHE A 314 1.79 29.15 23.45
N SER A 315 0.58 29.61 23.80
CA SER A 315 -0.05 30.69 23.03
C SER A 315 0.83 31.93 23.03
N GLU A 316 1.40 32.29 24.18
CA GLU A 316 2.29 33.44 24.24
C GLU A 316 3.61 33.16 23.52
N PHE A 317 4.13 31.93 23.64
CA PHE A 317 5.38 31.58 22.97
C PHE A 317 5.26 31.72 21.46
N ARG A 318 4.07 31.42 20.92
CA ARG A 318 3.86 31.47 19.48
C ARG A 318 3.77 32.89 18.95
N GLU A 319 3.52 33.87 19.82
CA GLU A 319 3.43 35.27 19.40
C GLU A 319 4.73 35.74 18.76
N THR A 337 23.12 20.48 6.65
CA THR A 337 22.48 21.67 7.18
C THR A 337 21.67 22.41 6.12
N CYS A 338 21.48 21.79 4.97
CA CYS A 338 20.54 22.32 3.99
C CYS A 338 19.12 22.04 4.44
N ASN A 339 18.18 22.82 3.89
CA ASN A 339 16.77 22.72 4.29
C ASN A 339 16.62 22.92 5.79
N GLN A 340 17.20 24.00 6.30
CA GLN A 340 17.09 24.37 7.71
C GLN A 340 16.70 25.84 7.84
N GLU A 341 15.83 26.31 6.96
CA GLU A 341 15.42 27.70 6.98
C GLU A 341 14.03 27.83 6.37
N CYS A 342 13.28 28.81 6.88
CA CYS A 342 12.01 29.21 6.31
C CYS A 342 11.89 30.73 6.40
N ASP A 343 11.32 31.33 5.37
CA ASP A 343 11.18 32.78 5.28
C ASP A 343 9.75 33.26 5.48
N ASN A 344 8.78 32.59 4.84
CA ASN A 344 7.38 33.02 4.89
C ASN A 344 6.62 32.47 6.09
N CYS A 345 7.22 31.58 6.89
CA CYS A 345 6.47 30.92 7.96
C CYS A 345 5.90 31.93 8.95
N LEU A 346 6.71 32.91 9.37
CA LEU A 346 6.27 33.86 10.38
C LEU A 346 5.09 34.69 9.87
N ASN A 347 5.19 35.21 8.64
CA ASN A 347 4.10 36.02 8.10
C ASN A 347 2.81 35.22 7.99
N ALA A 348 2.90 33.98 7.52
CA ALA A 348 1.72 33.13 7.43
C ALA A 348 1.10 32.90 8.81
N THR A 349 1.94 32.59 9.81
CA THR A 349 1.42 32.32 11.15
C THR A 349 0.74 33.54 11.74
N LEU A 350 1.32 34.73 11.53
CA LEU A 350 0.76 35.94 12.15
C LEU A 350 -0.66 36.21 11.69
N SER A 351 -1.01 35.79 10.47
CA SER A 351 -2.36 36.05 9.96
C SER A 351 -3.39 35.15 10.63
N PHE A 352 -3.08 33.87 10.79
CA PHE A 352 -3.95 32.91 11.47
C PHE A 352 -3.71 32.85 12.97
N ASN A 353 -2.95 33.79 13.53
CA ASN A 353 -2.69 33.79 14.97
C ASN A 353 -3.96 33.69 15.79
N THR A 354 -4.99 34.48 15.45
CA THR A 354 -6.19 34.50 16.28
C THR A 354 -6.92 33.16 16.23
N ILE A 355 -7.09 32.60 15.03
CA ILE A 355 -7.77 31.31 14.91
C ILE A 355 -7.00 30.25 15.68
N LEU A 356 -5.67 30.27 15.57
CA LEU A 356 -4.86 29.30 16.32
C LEU A 356 -5.03 29.49 17.83
N ARG A 357 -5.06 30.74 18.30
CA ARG A 357 -5.20 30.99 19.72
C ARG A 357 -6.56 30.55 20.24
N LEU A 358 -7.61 30.68 19.43
CA LEU A 358 -8.93 30.21 19.82
C LEU A 358 -9.10 28.71 19.65
N SER A 359 -8.31 28.08 18.79
CA SER A 359 -8.35 26.63 18.63
C SER A 359 -7.67 25.93 19.79
N GLY A 360 -8.18 24.74 20.13
CA GLY A 360 -7.50 23.90 21.10
C GLY A 360 -6.21 23.32 20.54
N GLU A 361 -5.25 23.09 21.43
CA GLU A 361 -3.96 22.54 21.04
C GLU A 361 -4.06 21.01 20.98
N ARG A 362 -4.32 20.47 19.79
CA ARG A 362 -4.70 19.07 19.67
C ARG A 362 -3.50 18.20 19.33
N VAL A 363 -2.83 18.42 18.19
CA VAL A 363 -1.64 17.62 17.84
C VAL A 363 -0.39 18.18 18.50
N VAL A 364 -0.36 19.49 18.73
CA VAL A 364 0.69 20.12 19.51
C VAL A 364 0.93 19.34 20.80
N TYR A 365 -0.13 18.79 21.39
CA TYR A 365 0.06 17.99 22.59
C TYR A 365 0.81 16.69 22.31
N SER A 366 0.58 16.09 21.14
CA SER A 366 1.36 14.91 20.78
C SER A 366 2.84 15.25 20.69
N VAL A 367 3.17 16.39 20.08
CA VAL A 367 4.58 16.80 19.98
C VAL A 367 5.16 17.05 21.37
N TYR A 368 4.41 17.76 22.20
CA TYR A 368 4.85 18.07 23.56
C TYR A 368 5.13 16.81 24.35
N SER A 369 4.20 15.86 24.31
CA SER A 369 4.35 14.61 25.07
C SER A 369 5.50 13.77 24.52
N ALA A 370 5.73 13.80 23.21
CA ALA A 370 6.88 13.09 22.66
C ALA A 370 8.19 13.63 23.23
N VAL A 371 8.34 14.96 23.23
CA VAL A 371 9.58 15.54 23.76
C VAL A 371 9.73 15.20 25.24
N TYR A 372 8.63 15.29 26.00
CA TYR A 372 8.72 14.98 27.42
C TYR A 372 9.00 13.51 27.67
N ALA A 373 8.52 12.62 26.81
CA ALA A 373 8.86 11.20 26.91
C ALA A 373 10.36 10.99 26.74
N VAL A 374 10.95 11.63 25.72
CA VAL A 374 12.41 11.54 25.55
C VAL A 374 13.11 12.10 26.79
N ALA A 375 12.61 13.22 27.31
CA ALA A 375 13.23 13.84 28.47
C ALA A 375 13.22 12.91 29.68
N HIS A 376 12.09 12.27 29.95
CA HIS A 376 12.01 11.35 31.09
C HIS A 376 12.90 10.13 30.87
N ALA A 377 12.91 9.58 29.65
CA ALA A 377 13.76 8.42 29.39
C ALA A 377 15.22 8.75 29.60
N LEU A 378 15.67 9.90 29.09
CA LEU A 378 17.05 10.32 29.31
C LEU A 378 17.32 10.59 30.79
N HIS A 379 16.34 11.17 31.50
CA HIS A 379 16.51 11.42 32.93
C HIS A 379 16.74 10.12 33.69
N SER A 380 16.01 9.07 33.32
CA SER A 380 16.23 7.77 33.95
C SER A 380 17.56 7.16 33.53
N LEU A 381 17.91 7.29 32.25
CA LEU A 381 19.10 6.62 31.73
C LEU A 381 20.37 7.12 32.41
N LEU A 382 20.46 8.43 32.63
CA LEU A 382 21.64 8.99 33.29
C LEU A 382 21.67 8.71 34.79
N GLY A 383 20.71 7.98 35.33
CA GLY A 383 20.68 7.74 36.75
C GLY A 383 20.58 9.03 37.55
N CYS A 384 19.87 10.02 37.02
CA CYS A 384 19.94 11.37 37.55
C CYS A 384 19.08 11.53 38.79
N ASP A 385 19.58 12.32 39.74
CA ASP A 385 18.89 12.62 40.98
C ASP A 385 18.03 13.87 40.82
N LYS A 386 17.24 14.17 41.86
CA LYS A 386 16.53 15.44 41.90
C LYS A 386 17.49 16.62 41.73
N SER A 387 18.73 16.45 42.19
CA SER A 387 19.70 17.54 42.25
C SER A 387 20.71 17.54 41.10
N THR A 388 21.23 16.38 40.70
CA THR A 388 22.34 16.35 39.76
C THR A 388 22.28 15.10 38.91
N CYS A 389 22.84 15.20 37.70
CA CYS A 389 22.98 14.08 36.78
C CYS A 389 24.45 13.78 36.56
N THR A 390 24.79 12.50 36.49
CA THR A 390 26.13 12.08 36.08
C THR A 390 26.14 11.94 34.57
N LYS A 391 26.76 12.91 33.89
CA LYS A 391 26.75 12.90 32.43
C LYS A 391 27.56 11.73 31.90
N ARG A 392 27.03 11.09 30.85
CA ARG A 392 27.60 9.87 30.32
C ARG A 392 27.38 9.85 28.82
N VAL A 393 28.21 9.07 28.12
CA VAL A 393 28.07 8.90 26.67
C VAL A 393 26.87 7.97 26.44
N VAL A 394 25.79 8.53 25.90
CA VAL A 394 24.57 7.76 25.67
C VAL A 394 24.63 7.12 24.29
N TYR A 395 24.31 5.83 24.23
CA TYR A 395 24.12 5.14 22.96
C TYR A 395 22.62 4.97 22.72
N PRO A 396 22.08 5.33 21.55
CA PRO A 396 20.62 5.45 21.41
C PRO A 396 19.82 4.21 21.79
N TRP A 397 20.34 3.00 21.60
CA TRP A 397 19.54 1.81 21.90
C TRP A 397 19.17 1.72 23.36
N GLN A 398 20.05 2.18 24.26
CA GLN A 398 19.71 2.22 25.67
C GLN A 398 18.61 3.22 25.95
N LEU A 399 18.60 4.34 25.23
CA LEU A 399 17.54 5.33 25.43
C LEU A 399 16.22 4.80 24.91
N LEU A 400 16.23 4.05 23.81
CA LEU A 400 15.01 3.37 23.36
C LEU A 400 14.52 2.38 24.41
N GLU A 401 15.45 1.59 24.97
CA GLU A 401 15.11 0.65 26.02
C GLU A 401 14.43 1.37 27.19
N GLU A 402 14.94 2.55 27.55
CA GLU A 402 14.30 3.34 28.61
C GLU A 402 12.96 3.91 28.17
N ILE A 403 12.86 4.39 26.93
CA ILE A 403 11.62 5.02 26.46
C ILE A 403 10.47 4.04 26.55
N TRP A 404 10.74 2.74 26.34
CA TRP A 404 9.66 1.77 26.45
C TRP A 404 9.01 1.76 27.83
N LYS A 405 9.70 2.25 28.86
CA LYS A 405 9.29 2.04 30.25
C LYS A 405 8.72 3.28 30.94
N VAL A 406 8.75 4.46 30.30
CA VAL A 406 8.35 5.68 30.99
C VAL A 406 6.88 5.62 31.37
N ASN A 407 6.53 6.29 32.47
CA ASN A 407 5.15 6.35 32.96
C ASN A 407 5.02 7.61 33.81
N PHE A 408 4.31 8.62 33.30
CA PHE A 408 4.23 9.89 34.00
C PHE A 408 2.98 10.64 33.56
N THR A 409 2.60 11.62 34.38
CA THR A 409 1.53 12.55 34.06
C THR A 409 2.14 13.88 33.65
N LEU A 410 1.69 14.40 32.50
CA LEU A 410 2.21 15.65 31.97
C LEU A 410 1.23 16.80 32.14
N LEU A 411 0.02 16.66 31.57
CA LEU A 411 -1.09 17.56 31.86
C LEU A 411 -2.32 16.67 32.08
N ASP A 412 -2.50 16.24 33.32
CA ASP A 412 -3.68 15.47 33.74
C ASP A 412 -3.88 14.19 32.93
N HIS A 413 -2.85 13.70 32.24
CA HIS A 413 -2.94 12.48 31.46
C HIS A 413 -1.72 11.61 31.64
N GLN A 414 -1.95 10.30 31.79
CA GLN A 414 -0.88 9.33 31.94
C GLN A 414 -0.27 9.03 30.58
N ILE A 415 1.02 9.27 30.43
CA ILE A 415 1.74 9.00 29.19
C ILE A 415 2.54 7.73 29.38
N PHE A 416 2.09 6.66 28.72
CA PHE A 416 2.85 5.42 28.64
C PHE A 416 2.51 4.74 27.33
N PHE A 417 3.44 3.92 26.85
CA PHE A 417 3.31 3.25 25.57
C PHE A 417 2.87 1.80 25.79
N ASP A 418 1.79 1.41 25.13
CA ASP A 418 1.30 0.05 25.19
C ASP A 418 2.31 -0.86 24.51
N PRO A 419 2.21 -2.18 24.68
CA PRO A 419 3.21 -3.08 24.09
C PRO A 419 3.40 -2.90 22.59
N GLN A 420 2.47 -2.23 21.91
CA GLN A 420 2.55 -2.00 20.47
C GLN A 420 2.88 -0.55 20.13
N GLY A 421 3.29 0.25 21.11
CA GLY A 421 3.96 1.51 20.83
C GLY A 421 3.09 2.75 20.81
N ASP A 422 1.83 2.68 21.23
CA ASP A 422 0.93 3.82 21.16
C ASP A 422 0.61 4.36 22.54
N VAL A 423 0.50 5.68 22.64
CA VAL A 423 -0.12 6.33 23.79
C VAL A 423 -1.61 6.49 23.50
N ALA A 424 -2.45 6.14 24.47
CA ALA A 424 -3.89 6.07 24.27
C ALA A 424 -4.57 7.41 24.61
N LEU A 425 -4.32 8.39 23.76
CA LEU A 425 -5.00 9.68 23.90
C LEU A 425 -6.44 9.59 23.40
N HIS A 426 -7.31 10.42 23.98
CA HIS A 426 -8.69 10.46 23.58
C HIS A 426 -8.84 11.14 22.23
N LEU A 427 -9.76 10.64 21.41
CA LEU A 427 -10.15 11.30 20.17
C LEU A 427 -11.45 12.06 20.38
N GLU A 428 -11.63 13.13 19.61
CA GLU A 428 -12.83 13.94 19.67
C GLU A 428 -13.39 14.15 18.28
N ILE A 429 -14.72 14.22 18.20
CA ILE A 429 -15.43 14.63 17.01
C ILE A 429 -15.79 16.10 17.18
N VAL A 430 -15.53 16.90 16.16
CA VAL A 430 -15.67 18.34 16.25
C VAL A 430 -16.59 18.83 15.13
N GLN A 431 -17.31 19.90 15.42
CA GLN A 431 -18.10 20.63 14.45
C GLN A 431 -17.43 21.97 14.15
N TRP A 432 -17.39 22.34 12.87
CA TRP A 432 -16.85 23.63 12.50
C TRP A 432 -17.84 24.75 12.79
N GLN A 433 -17.33 25.87 13.29
CA GLN A 433 -18.13 27.04 13.57
C GLN A 433 -17.50 28.26 12.89
N TRP A 434 -18.35 29.17 12.40
CA TRP A 434 -17.89 30.39 11.75
C TRP A 434 -18.22 31.64 12.55
N ASP A 435 -18.70 31.50 13.77
CA ASP A 435 -18.67 32.63 14.69
C ASP A 435 -17.23 32.93 15.06
N ARG A 436 -17.00 34.14 15.56
CA ARG A 436 -15.66 34.58 15.89
C ARG A 436 -15.60 35.04 17.34
N SER A 437 -14.41 34.95 17.91
CA SER A 437 -14.15 35.14 19.34
C SER A 437 -14.59 33.95 20.18
N GLN A 438 -15.01 32.85 19.55
CA GLN A 438 -15.16 31.57 20.23
C GLN A 438 -14.74 30.45 19.28
N ASN A 439 -14.62 29.25 19.84
CA ASN A 439 -13.78 28.21 19.25
C ASN A 439 -14.19 27.90 17.82
N PRO A 440 -13.26 27.91 16.87
CA PRO A 440 -13.57 27.44 15.51
C PRO A 440 -14.04 25.99 15.45
N PHE A 441 -13.52 25.11 16.32
CA PHE A 441 -13.75 23.67 16.23
C PHE A 441 -14.33 23.19 17.57
N GLN A 442 -15.65 23.19 17.67
CA GLN A 442 -16.31 22.80 18.91
C GLN A 442 -16.32 21.29 19.07
N SER A 443 -16.06 20.83 20.30
CA SER A 443 -16.06 19.40 20.61
C SER A 443 -17.49 18.94 20.86
N VAL A 444 -17.97 18.00 20.07
CA VAL A 444 -19.34 17.51 20.18
C VAL A 444 -19.42 16.08 20.73
N ALA A 445 -18.33 15.32 20.68
CA ALA A 445 -18.30 13.95 21.19
C ALA A 445 -16.89 13.60 21.60
N SER A 446 -16.76 12.62 22.49
CA SER A 446 -15.46 12.18 22.99
C SER A 446 -15.34 10.67 22.84
N TYR A 447 -14.25 10.22 22.21
CA TYR A 447 -14.02 8.81 21.97
C TYR A 447 -12.91 8.30 22.88
N TYR A 448 -13.23 7.28 23.70
CA TYR A 448 -12.27 6.65 24.58
C TYR A 448 -11.73 5.39 23.91
N PRO A 449 -10.43 5.32 23.59
CA PRO A 449 -9.93 4.15 22.86
C PRO A 449 -9.72 2.92 23.71
N LEU A 450 -9.30 3.07 24.97
CA LEU A 450 -9.12 1.91 25.82
C LEU A 450 -10.45 1.24 26.15
N GLN A 451 -11.55 1.97 26.03
CA GLN A 451 -12.89 1.39 26.13
C GLN A 451 -13.52 1.13 24.76
N ARG A 452 -12.95 1.69 23.70
CA ARG A 452 -13.47 1.51 22.34
C ARG A 452 -14.86 2.10 22.21
N GLN A 453 -15.11 3.21 22.91
CA GLN A 453 -16.47 3.71 23.07
C GLN A 453 -16.56 5.20 22.76
N LEU A 454 -17.61 5.57 22.03
CA LEU A 454 -17.94 6.97 21.78
C LEU A 454 -18.97 7.42 22.81
N LYS A 455 -18.75 8.59 23.40
CA LYS A 455 -19.50 9.04 24.56
C LYS A 455 -19.69 10.54 24.53
N ASN A 456 -20.57 11.02 25.39
CA ASN A 456 -20.79 12.44 25.64
C ASN A 456 -21.00 13.20 24.32
N ILE A 457 -22.01 12.76 23.58
CA ILE A 457 -22.37 13.39 22.31
C ILE A 457 -23.21 14.61 22.64
N GLN A 458 -22.65 15.80 22.45
CA GLN A 458 -23.32 17.03 22.82
C GLN A 458 -24.11 17.59 21.64
N ASP A 459 -24.70 18.77 21.86
CA ASP A 459 -25.60 19.36 20.88
C ASP A 459 -24.86 19.69 19.58
N ILE A 460 -25.50 19.37 18.46
CA ILE A 460 -25.00 19.73 17.13
C ILE A 460 -26.03 20.63 16.46
N SER A 461 -25.53 21.68 15.82
CA SER A 461 -26.37 22.60 15.04
C SER A 461 -26.42 22.09 13.61
N TRP A 462 -27.50 21.41 13.26
CA TRP A 462 -27.65 20.89 11.91
C TRP A 462 -28.13 21.99 10.96
N HIS A 463 -27.99 21.71 9.67
CA HIS A 463 -28.47 22.63 8.64
C HIS A 463 -29.98 22.56 8.44
N THR A 464 -30.66 21.63 9.10
CA THR A 464 -32.09 21.45 8.86
C THR A 464 -32.89 22.58 9.50
N ILE A 465 -34.16 22.68 9.08
CA ILE A 465 -34.98 23.84 9.42
C ILE A 465 -35.19 23.92 10.94
N ASN A 466 -35.83 22.90 11.51
CA ASN A 466 -36.03 22.83 12.95
C ASN A 466 -34.92 22.05 13.65
N ASN A 467 -33.72 22.04 13.07
CA ASN A 467 -32.55 21.41 13.68
C ASN A 467 -32.76 19.91 13.92
N THR A 468 -33.58 19.28 13.09
CA THR A 468 -33.74 17.83 13.17
C THR A 468 -32.50 17.14 12.60
N ILE A 469 -32.25 15.93 13.06
CA ILE A 469 -31.09 15.18 12.59
C ILE A 469 -31.24 14.87 11.11
N PRO A 470 -30.25 15.16 10.27
CA PRO A 470 -30.37 14.81 8.85
C PRO A 470 -30.29 13.29 8.66
N MET A 471 -31.17 12.77 7.82
CA MET A 471 -31.28 11.33 7.62
C MET A 471 -30.57 10.89 6.34
N SER A 472 -30.13 9.63 6.34
CA SER A 472 -29.66 8.96 5.13
C SER A 472 -29.81 7.46 5.30
N MET A 473 -30.76 6.87 4.59
CA MET A 473 -30.91 5.42 4.51
C MET A 473 -31.32 5.05 3.10
N CYS A 474 -31.00 3.81 2.70
CA CYS A 474 -31.34 3.38 1.35
C CYS A 474 -32.85 3.39 1.14
N SER A 475 -33.61 2.94 2.13
CA SER A 475 -35.07 2.94 2.03
C SER A 475 -35.67 2.91 3.42
N LYS A 476 -36.94 3.29 3.50
CA LYS A 476 -37.63 3.40 4.77
C LYS A 476 -37.93 2.02 5.35
N ARG A 477 -38.01 1.98 6.69
CA ARG A 477 -38.40 0.75 7.37
C ARG A 477 -39.81 0.34 6.96
N CYS A 478 -40.03 -0.96 6.84
CA CYS A 478 -41.32 -1.48 6.44
C CYS A 478 -42.36 -1.30 7.55
N GLN A 479 -43.63 -1.39 7.16
CA GLN A 479 -44.70 -1.47 8.14
C GLN A 479 -44.65 -2.83 8.84
N SER A 480 -45.41 -2.94 9.93
CA SER A 480 -45.44 -4.17 10.70
C SER A 480 -46.06 -5.29 9.89
N GLY A 481 -45.53 -6.51 10.06
CA GLY A 481 -46.03 -7.65 9.33
C GLY A 481 -45.64 -7.68 7.86
N GLN A 482 -44.71 -6.81 7.45
CA GLN A 482 -44.37 -6.61 6.05
C GLN A 482 -42.94 -7.06 5.82
N LYS A 483 -42.74 -7.95 4.85
CA LYS A 483 -41.46 -8.60 4.63
C LYS A 483 -40.56 -7.81 3.69
N LYS A 484 -39.26 -7.96 3.89
CA LYS A 484 -38.26 -7.30 3.06
C LYS A 484 -37.90 -8.14 1.84
N LYS A 485 -37.51 -7.46 0.76
CA LYS A 485 -37.00 -8.09 -0.43
C LYS A 485 -35.80 -7.30 -0.93
N PRO A 486 -34.61 -7.90 -1.05
CA PRO A 486 -33.41 -7.10 -1.33
C PRO A 486 -33.38 -6.57 -2.75
N VAL A 487 -32.62 -5.48 -2.92
CA VAL A 487 -32.36 -4.90 -4.23
C VAL A 487 -30.87 -4.60 -4.34
N GLY A 488 -30.30 -4.90 -5.50
CA GLY A 488 -28.91 -4.56 -5.75
C GLY A 488 -27.95 -5.32 -4.85
N ILE A 489 -26.72 -4.78 -4.80
CA ILE A 489 -25.67 -5.42 -4.01
C ILE A 489 -25.93 -5.25 -2.52
N HIS A 490 -26.34 -4.05 -2.11
CA HIS A 490 -26.27 -3.67 -0.71
C HIS A 490 -27.32 -4.39 0.13
N VAL A 491 -26.89 -4.90 1.28
CA VAL A 491 -27.80 -5.48 2.25
C VAL A 491 -28.81 -4.43 2.73
N CYS A 492 -28.38 -3.17 2.84
CA CYS A 492 -29.24 -2.13 3.40
C CYS A 492 -30.46 -1.84 2.52
N CYS A 493 -30.40 -2.16 1.23
CA CYS A 493 -31.42 -1.75 0.28
C CYS A 493 -32.46 -2.86 0.14
N PHE A 494 -33.72 -2.51 0.44
CA PHE A 494 -34.81 -3.48 0.37
C PHE A 494 -36.10 -2.75 0.03
N GLU A 495 -37.07 -3.52 -0.47
CA GLU A 495 -38.42 -3.05 -0.69
C GLU A 495 -39.38 -3.93 0.11
N CYS A 496 -40.51 -3.36 0.48
CA CYS A 496 -41.44 -3.98 1.43
C CYS A 496 -42.60 -4.61 0.68
N ILE A 497 -42.99 -5.81 1.11
CA ILE A 497 -44.05 -6.58 0.47
C ILE A 497 -44.98 -7.12 1.54
N ASP A 498 -46.29 -7.09 1.26
CA ASP A 498 -47.27 -7.55 2.23
C ASP A 498 -47.28 -9.07 2.31
N CYS A 499 -47.48 -9.59 3.52
CA CYS A 499 -47.66 -11.02 3.76
C CYS A 499 -49.13 -11.36 3.55
N LEU A 500 -49.43 -12.03 2.43
CA LEU A 500 -50.80 -12.25 2.02
C LEU A 500 -51.53 -13.17 3.00
N PRO A 501 -52.85 -13.17 2.98
CA PRO A 501 -53.62 -13.96 3.95
C PRO A 501 -53.15 -15.39 4.04
N GLY A 502 -53.21 -15.95 5.24
CA GLY A 502 -52.70 -17.28 5.51
C GLY A 502 -51.24 -17.31 5.90
N THR A 503 -50.54 -16.18 5.81
CA THR A 503 -49.15 -16.07 6.20
C THR A 503 -48.99 -14.93 7.20
N PHE A 504 -47.98 -15.06 8.07
CA PHE A 504 -47.72 -14.05 9.09
C PHE A 504 -46.21 -13.90 9.24
N LEU A 505 -45.81 -12.79 9.83
CA LEU A 505 -44.40 -12.42 9.90
C LEU A 505 -44.06 -11.99 11.32
N ASN A 506 -43.48 -12.90 12.10
CA ASN A 506 -42.81 -12.53 13.35
C ASN A 506 -41.40 -12.12 12.98
N HIS A 507 -41.14 -10.81 13.01
CA HIS A 507 -39.88 -10.29 12.48
C HIS A 507 -38.66 -10.81 13.22
N THR A 508 -38.83 -11.33 14.43
CA THR A 508 -37.70 -11.89 15.17
C THR A 508 -37.31 -13.29 14.68
N GLU A 509 -38.18 -13.96 13.92
CA GLU A 509 -37.88 -15.24 13.31
C GLU A 509 -37.35 -15.11 11.89
N ASP A 510 -37.98 -14.25 11.08
CA ASP A 510 -37.44 -13.90 9.77
C ASP A 510 -38.07 -12.58 9.33
N GLU A 511 -37.35 -11.87 8.46
CA GLU A 511 -37.81 -10.61 7.90
C GLU A 511 -38.00 -10.63 6.40
N TYR A 512 -37.45 -11.62 5.69
CA TYR A 512 -37.52 -11.69 4.24
C TYR A 512 -38.56 -12.66 3.72
N GLU A 513 -39.18 -13.46 4.58
CA GLU A 513 -40.21 -14.40 4.15
C GLU A 513 -41.20 -14.65 5.28
N CYS A 514 -42.48 -14.75 4.92
CA CYS A 514 -43.54 -14.90 5.91
C CYS A 514 -43.66 -16.34 6.39
N GLN A 515 -44.04 -16.50 7.65
CA GLN A 515 -44.43 -17.80 8.15
C GLN A 515 -45.82 -18.17 7.64
N ALA A 516 -46.16 -19.45 7.77
CA ALA A 516 -47.45 -19.97 7.36
C ALA A 516 -48.24 -20.44 8.59
N CYS A 517 -49.54 -20.14 8.61
CA CYS A 517 -50.36 -20.45 9.77
C CYS A 517 -50.60 -21.95 9.89
N PRO A 518 -50.75 -22.48 11.12
CA PRO A 518 -51.18 -23.87 11.29
C PRO A 518 -52.48 -24.19 10.57
N ASN A 519 -52.81 -25.49 10.47
CA ASN A 519 -54.00 -25.90 9.72
C ASN A 519 -55.28 -25.34 10.33
N ASN A 520 -55.29 -25.07 11.64
CA ASN A 520 -56.48 -24.59 12.33
C ASN A 520 -56.50 -23.07 12.48
N GLU A 521 -55.65 -22.35 11.74
CA GLU A 521 -55.54 -20.92 11.90
C GLU A 521 -55.37 -20.25 10.55
N TRP A 522 -55.58 -18.94 10.54
CA TRP A 522 -55.54 -18.15 9.32
C TRP A 522 -55.08 -16.75 9.71
N SER A 523 -54.81 -15.91 8.71
CA SER A 523 -54.30 -14.58 8.96
C SER A 523 -54.86 -13.62 7.91
N TYR A 524 -54.89 -12.34 8.26
CA TYR A 524 -55.39 -11.32 7.36
C TYR A 524 -54.28 -10.91 6.38
N GLN A 525 -54.57 -9.87 5.58
CA GLN A 525 -53.66 -9.47 4.51
C GLN A 525 -52.28 -9.08 5.00
N SER A 526 -52.13 -8.74 6.28
CA SER A 526 -50.80 -8.57 6.86
C SER A 526 -50.90 -8.43 8.37
N GLU A 527 -50.30 -9.36 9.10
CA GLU A 527 -50.31 -9.32 10.56
C GLU A 527 -49.16 -10.16 11.08
N THR A 528 -48.78 -9.90 12.33
CA THR A 528 -47.68 -10.61 12.97
C THR A 528 -48.06 -11.99 13.49
N SER A 529 -49.34 -12.37 13.43
CA SER A 529 -49.78 -13.63 14.01
C SER A 529 -51.09 -14.05 13.35
N CYS A 530 -51.45 -15.30 13.57
CA CYS A 530 -52.64 -15.91 12.98
C CYS A 530 -53.82 -15.84 13.95
N PHE A 531 -55.00 -16.22 13.44
CA PHE A 531 -56.18 -16.39 14.26
C PHE A 531 -56.86 -17.70 13.91
N LYS A 532 -57.59 -18.24 14.87
CA LYS A 532 -58.21 -19.55 14.70
C LYS A 532 -59.28 -19.53 13.62
N ARG A 533 -59.33 -20.59 12.83
CA ARG A 533 -60.29 -20.71 11.74
C ARG A 533 -60.66 -22.18 11.58
N GLN A 534 -61.89 -22.42 11.14
CA GLN A 534 -62.36 -23.78 10.89
C GLN A 534 -61.59 -24.42 9.75
N LEU B 3 35.36 -26.23 0.59
CA LEU B 3 35.45 -25.38 -0.63
C LEU B 3 35.97 -23.98 -0.31
N CYS B 4 36.50 -23.31 -1.33
CA CYS B 4 36.84 -21.90 -1.26
C CYS B 4 35.99 -21.17 -2.30
N LEU B 5 34.79 -20.78 -1.89
CA LEU B 5 33.79 -20.20 -2.79
C LEU B 5 33.29 -18.84 -2.34
N SER B 6 33.18 -18.61 -1.03
CA SER B 6 32.80 -17.27 -0.55
C SER B 6 33.78 -16.22 -1.02
N GLN B 7 35.04 -16.60 -1.21
CA GLN B 7 36.07 -15.67 -1.68
C GLN B 7 35.83 -15.20 -3.11
N GLN B 8 35.01 -15.93 -3.87
CA GLN B 8 34.86 -15.68 -5.30
C GLN B 8 33.70 -14.75 -5.64
N PHE B 9 33.00 -14.21 -4.65
CA PHE B 9 31.89 -13.29 -4.90
C PHE B 9 32.34 -11.86 -5.10
N LYS B 10 33.65 -11.63 -5.23
CA LYS B 10 34.20 -10.31 -5.52
C LYS B 10 35.31 -10.46 -6.54
N ALA B 11 35.40 -9.51 -7.45
CA ALA B 11 36.41 -9.52 -8.50
C ALA B 11 36.75 -8.09 -8.89
N GLN B 12 38.02 -7.87 -9.23
CA GLN B 12 38.50 -6.55 -9.59
C GLN B 12 37.97 -6.12 -10.96
N GLY B 13 37.97 -4.81 -11.18
CA GLY B 13 37.65 -4.27 -12.49
C GLY B 13 37.74 -2.76 -12.47
N ASP B 14 37.64 -2.17 -13.65
CA ASP B 14 37.61 -0.71 -13.76
C ASP B 14 36.27 -0.14 -13.31
N TYR B 15 35.17 -0.81 -13.66
CA TYR B 15 33.84 -0.47 -13.17
C TYR B 15 33.26 -1.70 -12.49
N ILE B 16 32.59 -1.49 -11.36
CA ILE B 16 32.17 -2.57 -10.47
C ILE B 16 30.65 -2.54 -10.33
N LEU B 17 30.03 -3.70 -10.52
CA LEU B 17 28.59 -3.86 -10.32
C LEU B 17 28.30 -4.41 -8.93
N GLY B 18 27.34 -3.80 -8.25
CA GLY B 18 26.85 -4.38 -7.01
C GLY B 18 25.75 -5.39 -7.26
N GLY B 19 25.60 -6.33 -6.32
CA GLY B 19 24.60 -7.37 -6.46
C GLY B 19 23.97 -7.76 -5.14
N LEU B 20 22.64 -7.65 -5.06
CA LEU B 20 21.89 -8.08 -3.89
C LEU B 20 21.16 -9.37 -4.24
N PHE B 21 21.46 -10.44 -3.54
CA PHE B 21 20.89 -11.74 -3.83
C PHE B 21 20.42 -12.42 -2.55
N PRO B 22 19.44 -13.35 -2.66
CA PRO B 22 18.99 -14.16 -1.52
C PRO B 22 19.98 -15.26 -1.18
N LEU B 23 21.23 -14.88 -0.95
CA LEU B 23 22.35 -15.81 -0.79
C LEU B 23 22.49 -16.32 0.63
N GLY B 24 21.43 -16.26 1.42
CA GLY B 24 21.47 -16.76 2.79
C GLY B 24 20.12 -16.56 3.45
N SER B 25 20.04 -17.03 4.69
CA SER B 25 18.82 -16.91 5.48
C SER B 25 19.17 -17.05 6.96
N THR B 26 18.20 -16.74 7.81
CA THR B 26 18.39 -16.68 9.25
C THR B 26 17.45 -17.66 9.94
N GLU B 27 17.84 -18.09 11.14
CA GLU B 27 16.98 -18.96 11.94
C GLU B 27 15.77 -18.22 12.46
N GLU B 28 14.74 -18.97 12.83
CA GLU B 28 13.50 -18.37 13.33
C GLU B 28 13.69 -17.58 14.62
N ALA B 29 14.72 -17.90 15.40
CA ALA B 29 14.96 -17.14 16.63
C ALA B 29 15.18 -15.65 16.34
N THR B 30 15.57 -15.31 15.12
CA THR B 30 15.78 -13.92 14.72
C THR B 30 14.47 -13.14 14.62
N LEU B 31 13.32 -13.81 14.66
CA LEU B 31 12.04 -13.14 14.44
C LEU B 31 11.61 -12.26 15.59
N ASN B 32 12.35 -12.23 16.70
CA ASN B 32 11.98 -11.42 17.84
C ASN B 32 12.42 -9.96 17.62
N GLN B 33 11.93 -9.10 18.51
CA GLN B 33 12.30 -7.68 18.47
C GLN B 33 13.75 -7.51 18.94
N ARG B 34 14.55 -6.86 18.11
CA ARG B 34 15.94 -6.60 18.46
C ARG B 34 16.04 -5.53 19.54
N THR B 35 16.92 -5.75 20.51
CA THR B 35 17.16 -4.82 21.59
C THR B 35 18.53 -4.17 21.53
N GLN B 36 19.50 -4.80 20.87
CA GLN B 36 20.84 -4.29 20.76
C GLN B 36 21.30 -4.48 19.32
N PRO B 37 21.95 -3.47 18.70
CA PRO B 37 22.28 -3.52 17.27
C PRO B 37 23.47 -4.43 16.93
N ASN B 38 23.39 -5.67 17.40
CA ASN B 38 24.44 -6.64 17.12
C ASN B 38 24.29 -7.16 15.69
N SER B 39 25.32 -7.87 15.22
CA SER B 39 25.30 -8.45 13.89
C SER B 39 24.26 -9.56 13.80
N ILE B 40 23.43 -9.51 12.77
CA ILE B 40 22.36 -10.51 12.59
C ILE B 40 22.95 -11.78 12.00
N PRO B 41 22.72 -12.96 12.57
CA PRO B 41 23.24 -14.19 11.99
C PRO B 41 22.43 -14.65 10.79
N CYS B 42 23.13 -15.13 9.76
CA CYS B 42 22.52 -15.62 8.53
C CYS B 42 23.15 -16.96 8.14
N ASN B 43 23.24 -17.87 9.12
CA ASN B 43 23.99 -19.11 8.99
C ASN B 43 23.31 -20.14 8.09
N ARG B 44 22.15 -19.83 7.53
CA ARG B 44 21.26 -20.80 6.92
C ARG B 44 21.38 -20.71 5.40
N PHE B 45 21.73 -21.82 4.75
CA PHE B 45 22.09 -21.81 3.34
C PHE B 45 20.87 -21.60 2.44
N SER B 46 21.14 -21.12 1.22
CA SER B 46 20.12 -20.90 0.21
C SER B 46 20.72 -21.17 -1.17
N PRO B 47 20.32 -22.27 -1.84
CA PRO B 47 20.88 -22.57 -3.16
C PRO B 47 20.40 -21.63 -4.26
N LEU B 48 19.16 -21.15 -4.17
CA LEU B 48 18.64 -20.22 -5.17
C LEU B 48 19.56 -19.02 -5.36
N GLY B 49 19.99 -18.42 -4.25
CA GLY B 49 20.92 -17.30 -4.34
C GLY B 49 22.24 -17.70 -4.98
N LEU B 50 22.72 -18.90 -4.68
CA LEU B 50 23.96 -19.38 -5.29
C LEU B 50 23.82 -19.41 -6.81
N PHE B 51 22.71 -19.99 -7.30
CA PHE B 51 22.52 -20.09 -8.75
C PHE B 51 22.40 -18.71 -9.39
N LEU B 52 21.66 -17.80 -8.75
CA LEU B 52 21.53 -16.45 -9.31
C LEU B 52 22.88 -15.73 -9.38
N ALA B 53 23.67 -15.82 -8.30
CA ALA B 53 24.99 -15.21 -8.30
C ALA B 53 25.89 -15.83 -9.36
N MET B 54 25.80 -17.14 -9.56
CA MET B 54 26.56 -17.79 -10.62
C MET B 54 26.15 -17.28 -12.00
N ALA B 55 24.84 -17.02 -12.18
CA ALA B 55 24.40 -16.43 -13.44
C ALA B 55 25.04 -15.07 -13.66
N MET B 56 25.09 -14.24 -12.61
CA MET B 56 25.72 -12.92 -12.75
C MET B 56 27.21 -13.07 -13.11
N LYS B 57 27.90 -13.98 -12.41
CA LYS B 57 29.32 -14.20 -12.68
C LYS B 57 29.53 -14.65 -14.13
N MET B 58 28.69 -15.56 -14.62
CA MET B 58 28.82 -16.04 -15.98
C MET B 58 28.63 -14.90 -16.99
N ALA B 59 27.62 -14.06 -16.75
CA ALA B 59 27.39 -12.93 -17.65
C ALA B 59 28.60 -12.01 -17.70
N VAL B 60 29.16 -11.69 -16.52
CA VAL B 60 30.30 -10.78 -16.48
C VAL B 60 31.52 -11.41 -17.17
N GLU B 61 31.72 -12.72 -16.98
CA GLU B 61 32.84 -13.38 -17.66
C GLU B 61 32.68 -13.32 -19.18
N GLU B 62 31.46 -13.61 -19.67
CA GLU B 62 31.22 -13.49 -21.11
C GLU B 62 31.56 -12.09 -21.59
N ILE B 63 31.10 -11.07 -20.87
CA ILE B 63 31.38 -9.69 -21.28
C ILE B 63 32.88 -9.42 -21.27
N ASN B 64 33.59 -9.95 -20.27
CA ASN B 64 35.03 -9.71 -20.17
C ASN B 64 35.82 -10.44 -21.25
N ASN B 65 35.25 -11.47 -21.88
CA ASN B 65 35.96 -12.14 -22.97
C ASN B 65 35.67 -11.53 -24.32
N GLY B 66 34.42 -11.15 -24.58
CA GLY B 66 34.05 -10.69 -25.91
C GLY B 66 34.54 -9.28 -26.22
N SER B 67 34.72 -9.02 -27.52
CA SER B 67 35.03 -7.68 -28.00
C SER B 67 33.78 -6.88 -28.37
N ALA B 68 32.60 -7.51 -28.34
CA ALA B 68 31.37 -6.83 -28.73
C ALA B 68 30.90 -5.81 -27.70
N LEU B 69 31.32 -5.93 -26.45
CA LEU B 69 30.95 -5.00 -25.39
C LEU B 69 32.18 -4.58 -24.61
N LEU B 70 32.25 -3.29 -24.30
CA LEU B 70 33.29 -2.73 -23.44
C LEU B 70 34.68 -3.20 -23.86
N PRO B 71 35.08 -2.95 -25.10
CA PRO B 71 36.40 -3.44 -25.55
C PRO B 71 37.53 -2.75 -24.80
N GLY B 72 38.48 -3.57 -24.35
CA GLY B 72 39.71 -3.05 -23.77
C GLY B 72 39.63 -2.56 -22.34
N LEU B 73 38.54 -2.84 -21.62
CA LEU B 73 38.46 -2.48 -20.22
C LEU B 73 37.69 -3.56 -19.47
N ARG B 74 37.98 -3.67 -18.17
CA ARG B 74 37.57 -4.81 -17.37
C ARG B 74 36.36 -4.46 -16.51
N LEU B 75 35.40 -5.36 -16.46
CA LEU B 75 34.18 -5.18 -15.67
C LEU B 75 34.27 -6.05 -14.42
N GLY B 76 33.97 -5.44 -13.26
CA GLY B 76 34.08 -6.10 -11.98
C GLY B 76 32.76 -6.17 -11.24
N TYR B 77 32.81 -6.82 -10.07
CA TYR B 77 31.61 -7.05 -9.27
C TYR B 77 32.02 -7.43 -7.85
N ASP B 78 31.08 -7.24 -6.92
CA ASP B 78 31.12 -7.82 -5.59
C ASP B 78 29.68 -8.01 -5.14
N LEU B 79 29.38 -9.17 -4.58
CA LEU B 79 28.00 -9.55 -4.28
C LEU B 79 27.78 -9.68 -2.78
N PHE B 80 26.55 -9.40 -2.34
CA PHE B 80 26.16 -9.54 -0.95
C PHE B 80 24.85 -10.30 -0.84
N ASP B 81 24.69 -10.97 0.30
CA ASP B 81 23.44 -11.63 0.63
C ASP B 81 22.47 -10.64 1.25
N THR B 82 21.24 -10.59 0.72
CA THR B 82 20.19 -9.83 1.39
C THR B 82 19.73 -10.52 2.67
N CYS B 83 19.87 -11.84 2.75
CA CYS B 83 19.38 -12.64 3.86
C CYS B 83 17.88 -12.48 4.06
N SER B 84 17.18 -12.00 3.03
CA SER B 84 15.75 -11.70 3.11
C SER B 84 15.44 -10.81 4.32
N GLU B 85 16.41 -10.02 4.73
CA GLU B 85 16.33 -9.21 5.94
C GLU B 85 16.52 -7.72 5.60
N PRO B 86 15.57 -6.85 5.94
CA PRO B 86 15.76 -5.42 5.62
C PRO B 86 17.02 -4.80 6.21
N VAL B 87 17.40 -5.15 7.43
CA VAL B 87 18.55 -4.53 8.07
C VAL B 87 19.84 -4.87 7.33
N VAL B 88 20.04 -6.16 7.03
CA VAL B 88 21.25 -6.58 6.31
C VAL B 88 21.26 -5.97 4.91
N THR B 89 20.09 -5.94 4.26
CA THR B 89 20.00 -5.31 2.95
C THR B 89 20.41 -3.84 3.00
N MET B 90 19.94 -3.12 4.03
CA MET B 90 20.30 -1.72 4.18
C MET B 90 21.80 -1.55 4.41
N LYS B 91 22.39 -2.41 5.25
CA LYS B 91 23.83 -2.38 5.43
C LYS B 91 24.54 -2.54 4.08
N SER B 92 24.11 -3.52 3.28
CA SER B 92 24.74 -3.77 1.99
C SER B 92 24.61 -2.55 1.07
N SER B 93 23.42 -1.96 0.98
CA SER B 93 23.23 -0.81 0.10
C SER B 93 24.05 0.38 0.56
N LEU B 94 24.08 0.63 1.87
CA LEU B 94 24.89 1.72 2.39
C LEU B 94 26.36 1.51 2.05
N MET B 95 26.83 0.27 2.14
CA MET B 95 28.20 -0.01 1.70
C MET B 95 28.35 0.27 0.21
N PHE B 96 27.32 -0.04 -0.59
CA PHE B 96 27.40 0.20 -2.02
C PHE B 96 27.58 1.68 -2.34
N LEU B 97 26.88 2.55 -1.63
CA LEU B 97 26.96 3.98 -1.91
C LEU B 97 28.09 4.68 -1.17
N ALA B 98 28.88 3.95 -0.40
CA ALA B 98 30.03 4.56 0.24
C ALA B 98 31.05 5.00 -0.80
N LYS B 99 31.94 5.91 -0.39
CA LYS B 99 32.96 6.43 -1.29
C LYS B 99 33.91 5.32 -1.75
N VAL B 100 34.48 5.52 -2.94
CA VAL B 100 35.55 4.64 -3.42
C VAL B 100 36.67 4.63 -2.41
N GLY B 101 37.08 3.42 -1.99
CA GLY B 101 38.22 3.27 -1.11
C GLY B 101 37.95 3.52 0.36
N SER B 102 36.71 3.79 0.75
CA SER B 102 36.38 4.11 2.14
C SER B 102 35.14 3.33 2.56
N GLN B 103 35.03 3.09 3.86
CA GLN B 103 33.90 2.35 4.42
C GLN B 103 32.79 3.25 4.95
N SER B 104 32.67 4.47 4.41
CA SER B 104 31.79 5.47 4.99
C SER B 104 31.03 6.18 3.88
N ILE B 105 29.87 6.70 4.25
CA ILE B 105 28.97 7.40 3.33
C ILE B 105 28.78 8.83 3.84
N ALA B 106 28.68 9.77 2.91
CA ALA B 106 28.72 11.19 3.22
C ALA B 106 27.33 11.80 3.18
N ALA B 107 27.07 12.73 4.11
CA ALA B 107 25.79 13.43 4.23
C ALA B 107 25.77 14.78 3.51
N TYR B 108 26.59 14.95 2.48
CA TYR B 108 26.74 16.26 1.85
C TYR B 108 25.40 16.83 1.41
N CYS B 109 25.40 18.13 1.10
CA CYS B 109 24.26 18.75 0.45
C CYS B 109 24.34 18.62 -1.07
N ASN B 110 25.52 18.84 -1.64
CA ASN B 110 25.75 18.73 -3.08
C ASN B 110 26.61 17.50 -3.35
N TYR B 111 26.17 16.67 -4.30
CA TYR B 111 26.92 15.48 -4.72
C TYR B 111 27.50 15.65 -6.12
N THR B 112 27.82 16.88 -6.53
CA THR B 112 28.24 17.13 -7.90
C THR B 112 29.59 16.50 -8.23
N GLN B 113 30.38 16.08 -7.24
CA GLN B 113 31.63 15.37 -7.50
C GLN B 113 31.78 14.19 -6.55
N TYR B 114 30.66 13.61 -6.12
CA TYR B 114 30.69 12.41 -5.28
C TYR B 114 31.06 11.19 -6.13
N GLN B 115 31.63 10.19 -5.48
CA GLN B 115 32.20 9.02 -6.17
C GLN B 115 31.92 7.75 -5.37
N PRO B 116 30.74 7.16 -5.53
CA PRO B 116 30.47 5.88 -4.86
C PRO B 116 31.17 4.72 -5.55
N ARG B 117 31.27 3.61 -4.81
CA ARG B 117 32.19 2.53 -5.19
C ARG B 117 31.62 1.59 -6.25
N VAL B 118 30.31 1.60 -6.50
CA VAL B 118 29.73 0.75 -7.54
C VAL B 118 29.06 1.63 -8.59
N LEU B 119 29.04 1.11 -9.82
CA LEU B 119 28.39 1.82 -10.93
C LEU B 119 26.90 1.54 -10.98
N ALA B 120 26.49 0.30 -10.72
CA ALA B 120 25.08 -0.07 -10.73
C ALA B 120 24.87 -1.25 -9.79
N VAL B 121 23.64 -1.40 -9.33
CA VAL B 121 23.26 -2.43 -8.36
C VAL B 121 22.21 -3.32 -9.01
N ILE B 122 22.48 -4.63 -9.04
CA ILE B 122 21.50 -5.60 -9.51
C ILE B 122 20.66 -6.02 -8.30
N GLY B 123 19.37 -5.68 -8.32
CA GLY B 123 18.60 -5.54 -7.11
C GLY B 123 18.10 -6.86 -6.56
N PRO B 124 17.31 -6.75 -5.49
CA PRO B 124 16.91 -7.92 -4.71
C PRO B 124 15.87 -8.77 -5.43
N HIS B 125 15.58 -9.92 -4.81
CA HIS B 125 14.70 -10.93 -5.40
C HIS B 125 13.23 -10.74 -5.00
N SER B 126 12.94 -9.96 -3.97
CA SER B 126 11.59 -9.81 -3.45
C SER B 126 11.14 -8.36 -3.54
N SER B 127 9.82 -8.17 -3.67
CA SER B 127 9.28 -6.83 -3.88
C SER B 127 9.39 -5.97 -2.63
N GLU B 128 9.30 -6.54 -1.43
CA GLU B 128 9.43 -5.74 -0.22
C GLU B 128 10.82 -5.09 -0.14
N LEU B 129 11.87 -5.90 -0.28
CA LEU B 129 13.22 -5.34 -0.28
C LEU B 129 13.45 -4.44 -1.49
N ALA B 130 12.81 -4.74 -2.62
CA ALA B 130 12.92 -3.85 -3.77
C ALA B 130 12.37 -2.47 -3.44
N LEU B 131 11.20 -2.41 -2.81
CA LEU B 131 10.63 -1.13 -2.40
C LEU B 131 11.52 -0.43 -1.38
N ILE B 132 12.06 -1.18 -0.42
CA ILE B 132 12.89 -0.58 0.62
C ILE B 132 14.15 0.03 0.02
N THR B 133 14.83 -0.71 -0.87
CA THR B 133 16.10 -0.25 -1.42
C THR B 133 15.91 0.76 -2.55
N GLY B 134 14.78 0.75 -3.24
CA GLY B 134 14.60 1.62 -4.39
C GLY B 134 14.54 3.08 -4.01
N LYS B 135 13.84 3.42 -2.93
CA LYS B 135 13.82 4.81 -2.48
C LYS B 135 15.24 5.30 -2.23
N PHE B 136 16.00 4.54 -1.46
CA PHE B 136 17.36 4.95 -1.11
C PHE B 136 18.22 5.09 -2.37
N PHE B 137 18.21 4.07 -3.22
CA PHE B 137 19.05 4.10 -4.42
C PHE B 137 18.64 5.22 -5.37
N SER B 138 17.34 5.42 -5.55
CA SER B 138 16.85 6.40 -6.51
C SER B 138 16.93 7.83 -5.99
N PHE B 139 17.11 8.04 -4.69
CA PHE B 139 17.50 9.36 -4.23
C PHE B 139 18.85 9.76 -4.83
N PHE B 140 19.83 8.86 -4.77
CA PHE B 140 21.14 9.08 -5.35
C PHE B 140 21.17 8.87 -6.85
N LEU B 141 20.04 8.52 -7.48
CA LEU B 141 20.00 8.24 -8.91
C LEU B 141 20.91 7.09 -9.29
N MET B 142 21.12 6.18 -8.35
CA MET B 142 21.88 4.97 -8.65
C MET B 142 21.03 4.05 -9.52
N PRO B 143 21.49 3.65 -10.70
CA PRO B 143 20.68 2.76 -11.53
C PRO B 143 20.63 1.36 -10.92
N GLN B 144 19.42 0.85 -10.73
CA GLN B 144 19.18 -0.43 -10.10
C GLN B 144 18.38 -1.30 -11.06
N VAL B 145 18.77 -2.56 -11.21
CA VAL B 145 18.10 -3.50 -12.09
C VAL B 145 17.74 -4.74 -11.28
N SER B 146 16.46 -5.10 -11.27
CA SER B 146 15.94 -6.23 -10.51
C SER B 146 15.57 -7.37 -11.45
N TYR B 147 16.08 -8.56 -11.15
CA TYR B 147 15.70 -9.76 -11.89
C TYR B 147 14.37 -10.36 -11.42
N SER B 148 13.90 -9.97 -10.23
CA SER B 148 12.58 -10.38 -9.78
C SER B 148 12.00 -9.37 -8.79
N ALA B 149 11.20 -8.43 -9.31
CA ALA B 149 10.35 -7.56 -8.49
C ALA B 149 9.20 -7.10 -9.37
N SER B 150 8.04 -7.73 -9.23
CA SER B 150 6.93 -7.54 -10.17
C SER B 150 5.81 -6.63 -9.67
N MET B 151 5.90 -6.09 -8.46
CA MET B 151 4.81 -5.25 -7.96
C MET B 151 4.60 -4.04 -8.86
N ASP B 152 3.33 -3.67 -9.07
CA ASP B 152 3.03 -2.55 -9.94
C ASP B 152 3.52 -1.23 -9.37
N ARG B 153 3.54 -1.09 -8.04
CA ARG B 153 3.90 0.17 -7.43
C ARG B 153 5.31 0.62 -7.82
N LEU B 154 6.17 -0.33 -8.17
CA LEU B 154 7.55 0.00 -8.56
C LEU B 154 7.64 0.67 -9.92
N SER B 155 6.55 0.69 -10.71
CA SER B 155 6.59 1.34 -12.01
C SER B 155 6.66 2.85 -11.89
N ASP B 156 6.22 3.41 -10.76
CA ASP B 156 6.10 4.86 -10.62
C ASP B 156 7.44 5.56 -10.76
N ARG B 157 7.62 6.32 -11.84
CA ARG B 157 8.85 7.05 -12.07
C ARG B 157 9.03 8.21 -11.09
N GLU B 158 7.97 8.65 -10.42
CA GLU B 158 8.07 9.79 -9.51
C GLU B 158 8.75 9.40 -8.21
N THR B 159 8.44 8.21 -7.69
CA THR B 159 9.07 7.71 -6.47
C THR B 159 10.27 6.82 -6.76
N PHE B 160 10.34 6.21 -7.95
CA PHE B 160 11.42 5.29 -8.31
C PHE B 160 12.01 5.68 -9.67
N PRO B 161 12.64 6.86 -9.76
CA PRO B 161 13.16 7.33 -11.05
C PRO B 161 14.26 6.45 -11.65
N SER B 162 14.93 5.61 -10.87
CA SER B 162 16.09 4.86 -11.35
C SER B 162 15.94 3.35 -11.21
N PHE B 163 14.72 2.85 -11.02
CA PHE B 163 14.48 1.42 -10.86
C PHE B 163 14.11 0.79 -12.20
N PHE B 164 14.75 -0.33 -12.53
CA PHE B 164 14.47 -1.11 -13.72
C PHE B 164 14.33 -2.57 -13.33
N ARG B 165 13.68 -3.34 -14.19
CA ARG B 165 13.52 -4.76 -13.95
C ARG B 165 13.44 -5.49 -15.28
N THR B 166 13.85 -6.76 -15.27
CA THR B 166 13.84 -7.60 -16.47
C THR B 166 12.77 -8.68 -16.40
N VAL B 167 11.88 -8.63 -15.41
CA VAL B 167 10.68 -9.44 -15.40
C VAL B 167 9.49 -8.50 -15.53
N PRO B 168 8.46 -8.86 -16.31
CA PRO B 168 7.30 -7.96 -16.43
C PRO B 168 6.58 -7.77 -15.11
N SER B 169 5.90 -6.63 -14.99
CA SER B 169 4.99 -6.42 -13.87
C SER B 169 3.80 -7.37 -13.97
N ASP B 170 3.11 -7.55 -12.83
CA ASP B 170 1.91 -8.36 -12.81
C ASP B 170 0.84 -7.80 -13.76
N ARG B 171 0.89 -6.50 -14.03
CA ARG B 171 -0.13 -5.87 -14.86
C ARG B 171 -0.15 -6.49 -16.26
N VAL B 172 1.01 -6.86 -16.80
CA VAL B 172 1.04 -7.45 -18.13
C VAL B 172 0.38 -8.82 -18.13
N GLN B 173 0.65 -9.63 -17.10
CA GLN B 173 0.01 -10.94 -17.00
C GLN B 173 -1.50 -10.78 -16.89
N LEU B 174 -1.96 -9.83 -16.08
CA LEU B 174 -3.39 -9.63 -15.94
C LEU B 174 -4.01 -9.06 -17.21
N GLN B 175 -3.27 -8.25 -17.97
CA GLN B 175 -3.74 -7.79 -19.26
C GLN B 175 -3.90 -8.96 -20.23
N ALA B 176 -2.96 -9.89 -20.21
CA ALA B 176 -3.10 -11.10 -21.04
C ALA B 176 -4.34 -11.89 -20.63
N VAL B 177 -4.56 -12.05 -19.32
CA VAL B 177 -5.76 -12.74 -18.84
C VAL B 177 -7.01 -12.03 -19.32
N VAL B 178 -7.03 -10.69 -19.22
CA VAL B 178 -8.20 -9.93 -19.64
C VAL B 178 -8.46 -10.06 -21.14
N THR B 179 -7.39 -10.07 -21.93
CA THR B 179 -7.56 -10.27 -23.38
C THR B 179 -8.13 -11.66 -23.65
N LEU B 180 -7.65 -12.66 -22.91
CA LEU B 180 -8.19 -14.01 -23.05
C LEU B 180 -9.68 -14.04 -22.71
N LEU B 181 -10.07 -13.34 -21.64
CA LEU B 181 -11.49 -13.28 -21.27
C LEU B 181 -12.30 -12.60 -22.37
N GLN B 182 -11.80 -11.50 -22.93
CA GLN B 182 -12.50 -10.83 -24.01
C GLN B 182 -12.65 -11.72 -25.22
N ASN B 183 -11.62 -12.52 -25.54
CA ASN B 183 -11.62 -13.28 -26.78
C ASN B 183 -12.80 -14.26 -26.82
N PHE B 184 -13.03 -14.98 -25.73
CA PHE B 184 -14.14 -15.90 -25.63
C PHE B 184 -15.42 -15.25 -25.10
N SER B 185 -15.40 -13.95 -24.83
CA SER B 185 -16.57 -13.25 -24.29
C SER B 185 -16.99 -13.86 -22.95
N TRP B 186 -16.01 -14.25 -22.15
CA TRP B 186 -16.25 -14.70 -20.79
C TRP B 186 -16.48 -13.50 -19.89
N ASN B 187 -17.58 -12.78 -20.16
CA ASN B 187 -17.76 -11.43 -19.65
C ASN B 187 -18.12 -11.39 -18.17
N TRP B 188 -18.54 -12.51 -17.59
CA TRP B 188 -19.09 -12.54 -16.24
C TRP B 188 -18.30 -13.55 -15.42
N VAL B 189 -17.52 -13.05 -14.44
CA VAL B 189 -16.46 -13.82 -13.83
C VAL B 189 -16.44 -13.61 -12.33
N ALA B 190 -15.80 -14.55 -11.63
CA ALA B 190 -15.46 -14.43 -10.22
C ALA B 190 -13.95 -14.43 -10.06
N ALA B 191 -13.45 -13.63 -9.13
CA ALA B 191 -12.02 -13.43 -8.93
C ALA B 191 -11.64 -13.75 -7.49
N LEU B 192 -10.58 -14.54 -7.31
CA LEU B 192 -10.09 -14.92 -6.00
C LEU B 192 -8.59 -14.68 -5.90
N GLY B 193 -8.12 -14.49 -4.67
CA GLY B 193 -6.70 -14.31 -4.42
C GLY B 193 -6.34 -14.76 -3.01
N SER B 194 -5.04 -14.74 -2.74
CA SER B 194 -4.54 -15.16 -1.44
C SER B 194 -4.81 -14.10 -0.38
N ASP B 195 -4.68 -14.51 0.88
CA ASP B 195 -4.93 -13.61 2.01
C ASP B 195 -3.87 -12.53 2.17
N ASP B 196 -2.71 -12.68 1.53
CA ASP B 196 -1.57 -11.81 1.78
C ASP B 196 -1.63 -10.56 0.91
N ASP B 197 -0.58 -9.73 1.00
CA ASP B 197 -0.56 -8.45 0.28
C ASP B 197 -0.66 -8.66 -1.22
N TYR B 198 0.23 -9.50 -1.77
CA TYR B 198 0.17 -9.85 -3.18
C TYR B 198 -1.21 -10.38 -3.55
N GLY B 199 -1.82 -11.13 -2.63
CA GLY B 199 -3.07 -11.83 -2.89
C GLY B 199 -4.22 -10.93 -3.29
N ARG B 200 -4.24 -9.68 -2.80
CA ARG B 200 -5.24 -8.74 -3.26
C ARG B 200 -4.68 -7.54 -4.00
N GLU B 201 -3.36 -7.34 -4.02
CA GLU B 201 -2.80 -6.44 -5.02
C GLU B 201 -3.15 -6.94 -6.42
N GLY B 202 -3.00 -8.25 -6.63
CA GLY B 202 -3.40 -8.81 -7.92
C GLY B 202 -4.87 -8.55 -8.22
N LEU B 203 -5.74 -8.78 -7.23
CA LEU B 203 -7.16 -8.58 -7.46
C LEU B 203 -7.52 -7.11 -7.66
N SER B 204 -6.81 -6.21 -6.98
CA SER B 204 -7.03 -4.79 -7.23
C SER B 204 -6.70 -4.43 -8.67
N ILE B 205 -5.56 -4.90 -9.17
CA ILE B 205 -5.18 -4.59 -10.54
C ILE B 205 -6.18 -5.20 -11.52
N PHE B 206 -6.58 -6.44 -11.28
CA PHE B 206 -7.52 -7.10 -12.19
C PHE B 206 -8.88 -6.41 -12.18
N SER B 207 -9.37 -6.02 -11.01
CA SER B 207 -10.66 -5.34 -10.95
C SER B 207 -10.59 -3.97 -11.61
N SER B 208 -9.46 -3.27 -11.47
CA SER B 208 -9.28 -2.01 -12.18
C SER B 208 -9.29 -2.23 -13.69
N LEU B 209 -8.62 -3.29 -14.16
CA LEU B 209 -8.56 -3.56 -15.59
C LEU B 209 -9.92 -3.95 -16.15
N ALA B 210 -10.69 -4.75 -15.40
CA ALA B 210 -11.93 -5.28 -15.93
C ALA B 210 -12.93 -4.17 -16.26
N ASN B 211 -13.08 -3.20 -15.36
CA ASN B 211 -14.06 -2.14 -15.58
C ASN B 211 -13.74 -1.30 -16.81
N ALA B 212 -12.46 -1.16 -17.15
CA ALA B 212 -12.06 -0.40 -18.32
C ALA B 212 -12.35 -1.12 -19.64
N ARG B 213 -12.67 -2.42 -19.59
CA ARG B 213 -12.87 -3.21 -20.81
C ARG B 213 -14.18 -4.00 -20.85
N GLY B 214 -14.97 -3.97 -19.78
CA GLY B 214 -16.27 -4.61 -19.78
C GLY B 214 -16.46 -5.82 -18.89
N ILE B 215 -15.41 -6.57 -18.63
CA ILE B 215 -15.58 -7.80 -17.86
C ILE B 215 -16.25 -7.47 -16.53
N CYS B 216 -17.28 -8.24 -16.19
CA CYS B 216 -17.99 -8.03 -14.94
C CYS B 216 -17.45 -8.90 -13.84
N ILE B 217 -16.83 -8.29 -12.84
CA ILE B 217 -16.34 -9.06 -11.71
C ILE B 217 -17.56 -9.30 -10.86
N ALA B 218 -18.20 -10.44 -11.01
CA ALA B 218 -19.39 -10.75 -10.25
C ALA B 218 -19.08 -10.97 -8.80
N HIS B 219 -17.94 -11.59 -8.51
CA HIS B 219 -17.61 -11.93 -7.14
C HIS B 219 -16.15 -11.72 -6.83
N GLU B 220 -15.84 -11.33 -5.61
CA GLU B 220 -14.46 -11.18 -5.16
C GLU B 220 -14.30 -11.84 -3.80
N GLY B 221 -13.07 -12.27 -3.51
CA GLY B 221 -12.79 -12.84 -2.21
C GLY B 221 -11.33 -13.19 -2.07
N LEU B 222 -10.94 -13.48 -0.84
CA LEU B 222 -9.61 -13.98 -0.52
C LEU B 222 -9.73 -15.41 -0.02
N VAL B 223 -8.70 -16.21 -0.29
CA VAL B 223 -8.66 -17.60 0.16
C VAL B 223 -7.40 -17.82 0.99
N PRO B 224 -7.45 -18.67 2.02
CA PRO B 224 -6.28 -18.86 2.88
C PRO B 224 -5.30 -19.88 2.31
N GLN B 225 -4.10 -19.85 2.86
CA GLN B 225 -3.08 -20.87 2.63
C GLN B 225 -2.70 -21.55 3.94
N HIS B 226 -3.69 -21.74 4.82
CA HIS B 226 -3.49 -22.29 6.17
C HIS B 226 -4.55 -23.38 6.37
N ASP B 227 -4.19 -24.62 6.05
CA ASP B 227 -5.16 -25.71 6.04
C ASP B 227 -5.79 -25.97 7.41
N THR B 228 -5.08 -25.67 8.49
CA THR B 228 -5.57 -26.00 9.83
C THR B 228 -6.57 -24.98 10.37
N SER B 229 -6.68 -23.81 9.74
CA SER B 229 -7.51 -22.71 10.26
C SER B 229 -8.98 -22.97 9.89
N GLY B 230 -9.69 -23.59 10.82
CA GLY B 230 -11.07 -24.00 10.56
C GLY B 230 -11.99 -22.86 10.19
N GLN B 231 -11.81 -21.69 10.83
CA GLN B 231 -12.66 -20.54 10.51
C GLN B 231 -12.41 -20.05 9.09
N GLN B 232 -11.14 -20.03 8.67
CA GLN B 232 -10.86 -19.62 7.30
C GLN B 232 -11.35 -20.67 6.31
N LEU B 233 -11.38 -21.94 6.70
CA LEU B 233 -12.05 -22.95 5.89
C LEU B 233 -13.55 -22.70 5.82
N GLY B 234 -14.16 -22.20 6.91
CA GLY B 234 -15.52 -21.73 6.80
C GLY B 234 -15.66 -20.63 5.77
N LYS B 235 -14.69 -19.71 5.76
CA LYS B 235 -14.70 -18.64 4.75
C LYS B 235 -14.61 -19.22 3.35
N VAL B 236 -13.77 -20.23 3.13
CA VAL B 236 -13.64 -20.80 1.79
C VAL B 236 -14.92 -21.52 1.39
N LEU B 237 -15.56 -22.21 2.34
CA LEU B 237 -16.83 -22.86 2.04
C LEU B 237 -17.90 -21.82 1.67
N ASP B 238 -17.94 -20.71 2.40
CA ASP B 238 -18.83 -19.61 2.04
C ASP B 238 -18.51 -19.10 0.64
N VAL B 239 -17.22 -18.95 0.32
CA VAL B 239 -16.82 -18.46 -1.00
C VAL B 239 -17.32 -19.38 -2.10
N LEU B 240 -17.13 -20.69 -1.92
CA LEU B 240 -17.54 -21.65 -2.94
C LEU B 240 -19.05 -21.67 -3.11
N ARG B 241 -19.79 -21.64 -2.00
CA ARG B 241 -21.24 -21.59 -2.10
C ARG B 241 -21.70 -20.31 -2.81
N GLN B 242 -21.08 -19.18 -2.49
CA GLN B 242 -21.40 -17.92 -3.17
C GLN B 242 -21.11 -18.03 -4.66
N VAL B 243 -19.96 -18.57 -5.04
CA VAL B 243 -19.61 -18.70 -6.45
C VAL B 243 -20.64 -19.56 -7.17
N ASN B 244 -20.99 -20.70 -6.58
CA ASN B 244 -22.01 -21.56 -7.19
C ASN B 244 -23.34 -20.83 -7.33
N GLN B 245 -23.71 -20.05 -6.30
CA GLN B 245 -24.97 -19.31 -6.34
C GLN B 245 -24.96 -18.19 -7.36
N SER B 246 -23.78 -17.71 -7.76
CA SER B 246 -23.68 -16.56 -8.65
C SER B 246 -23.92 -16.90 -10.12
N LYS B 247 -24.07 -18.18 -10.46
CA LYS B 247 -24.26 -18.63 -11.84
C LYS B 247 -23.04 -18.33 -12.71
N VAL B 248 -21.90 -18.01 -12.10
CA VAL B 248 -20.67 -17.80 -12.85
C VAL B 248 -20.17 -19.13 -13.41
N GLN B 249 -19.48 -19.07 -14.54
CA GLN B 249 -18.86 -20.24 -15.14
C GLN B 249 -17.35 -20.12 -15.27
N VAL B 250 -16.77 -18.95 -14.98
CA VAL B 250 -15.34 -18.71 -15.14
C VAL B 250 -14.82 -18.05 -13.88
N VAL B 251 -13.68 -18.54 -13.38
CA VAL B 251 -13.08 -18.09 -12.14
C VAL B 251 -11.64 -17.71 -12.43
N VAL B 252 -11.22 -16.55 -11.94
CA VAL B 252 -9.83 -16.09 -12.00
C VAL B 252 -9.23 -16.32 -10.62
N LEU B 253 -8.08 -16.99 -10.57
CA LEU B 253 -7.53 -17.48 -9.30
C LEU B 253 -6.06 -17.08 -9.23
N PHE B 254 -5.79 -15.98 -8.53
CA PHE B 254 -4.47 -15.39 -8.42
C PHE B 254 -3.68 -15.89 -7.20
N ALA B 255 -4.15 -16.93 -6.53
CA ALA B 255 -3.61 -17.31 -5.24
C ALA B 255 -2.30 -18.09 -5.36
N SER B 256 -1.72 -18.40 -4.20
CA SER B 256 -0.53 -19.24 -4.11
C SER B 256 -0.89 -20.71 -4.31
N ALA B 257 0.14 -21.52 -4.54
CA ALA B 257 -0.08 -22.92 -4.89
C ALA B 257 -0.79 -23.67 -3.76
N ARG B 258 -0.36 -23.47 -2.51
CA ARG B 258 -0.96 -24.21 -1.40
C ARG B 258 -2.40 -23.80 -1.15
N ALA B 259 -2.73 -22.52 -1.34
CA ALA B 259 -4.11 -22.06 -1.22
C ALA B 259 -5.00 -22.77 -2.23
N VAL B 260 -4.54 -22.83 -3.49
CA VAL B 260 -5.31 -23.52 -4.52
C VAL B 260 -5.42 -25.00 -4.20
N TYR B 261 -4.35 -25.59 -3.66
CA TYR B 261 -4.42 -27.00 -3.29
C TYR B 261 -5.51 -27.25 -2.26
N SER B 262 -5.55 -26.42 -1.21
CA SER B 262 -6.60 -26.56 -0.19
C SER B 262 -7.99 -26.39 -0.82
N LEU B 263 -8.18 -25.29 -1.54
CA LEU B 263 -9.48 -25.00 -2.12
C LEU B 263 -9.94 -26.14 -3.04
N PHE B 264 -9.04 -26.61 -3.91
CA PHE B 264 -9.39 -27.66 -4.85
C PHE B 264 -9.65 -28.99 -4.14
N SER B 265 -8.87 -29.33 -3.11
CA SER B 265 -9.13 -30.56 -2.38
C SER B 265 -10.52 -30.53 -1.74
N TYR B 266 -10.87 -29.42 -1.08
CA TYR B 266 -12.22 -29.31 -0.52
C TYR B 266 -13.26 -29.44 -1.63
N SER B 267 -13.03 -28.80 -2.76
CA SER B 267 -13.95 -28.88 -3.88
C SER B 267 -14.09 -30.31 -4.40
N ILE B 268 -13.01 -31.09 -4.36
CA ILE B 268 -13.09 -32.50 -4.76
C ILE B 268 -14.04 -33.23 -3.82
N HIS B 269 -13.87 -33.03 -2.51
CA HIS B 269 -14.58 -33.86 -1.56
C HIS B 269 -16.09 -33.61 -1.59
N HIS B 270 -16.52 -32.34 -1.65
CA HIS B 270 -17.94 -32.02 -1.74
C HIS B 270 -18.40 -31.71 -3.16
N GLY B 271 -17.58 -32.02 -4.17
CA GLY B 271 -18.01 -32.13 -5.55
C GLY B 271 -18.14 -30.85 -6.35
N LEU B 272 -18.60 -29.77 -5.73
CA LEU B 272 -18.70 -28.48 -6.40
C LEU B 272 -19.41 -28.62 -7.75
N SER B 273 -18.98 -27.85 -8.75
CA SER B 273 -19.45 -27.99 -10.13
C SER B 273 -18.35 -27.51 -11.04
N PRO B 274 -18.26 -28.04 -12.26
CA PRO B 274 -17.11 -27.71 -13.13
C PRO B 274 -17.14 -26.26 -13.58
N LYS B 275 -15.94 -25.68 -13.73
CA LYS B 275 -15.78 -24.31 -14.20
C LYS B 275 -14.49 -24.20 -14.99
N VAL B 276 -14.27 -23.01 -15.56
CA VAL B 276 -12.99 -22.67 -16.19
C VAL B 276 -12.17 -21.85 -15.19
N TRP B 277 -11.02 -22.39 -14.80
CA TRP B 277 -10.16 -21.75 -13.81
C TRP B 277 -8.94 -21.18 -14.52
N VAL B 278 -8.69 -19.89 -14.31
CA VAL B 278 -7.62 -19.18 -14.98
C VAL B 278 -6.54 -18.85 -13.96
N ALA B 279 -5.34 -19.37 -14.20
CA ALA B 279 -4.26 -19.46 -13.23
C ALA B 279 -3.35 -18.22 -13.32
N SER B 280 -2.20 -18.28 -12.66
CA SER B 280 -1.27 -17.16 -12.57
C SER B 280 0.15 -17.71 -12.59
N GLU B 281 1.12 -16.82 -12.81
CA GLU B 281 2.53 -17.27 -12.84
C GLU B 281 2.84 -17.94 -11.50
N SER B 282 2.22 -17.47 -10.41
CA SER B 282 2.39 -18.10 -9.08
C SER B 282 1.84 -19.54 -9.11
N TRP B 283 0.57 -19.68 -9.48
CA TRP B 283 -0.07 -21.02 -9.55
C TRP B 283 -0.10 -21.49 -11.01
N LEU B 284 0.99 -22.09 -11.48
CA LEU B 284 0.98 -22.65 -12.86
C LEU B 284 1.91 -23.88 -12.90
N THR B 285 1.56 -24.89 -13.69
CA THR B 285 2.35 -26.14 -13.70
C THR B 285 2.52 -26.54 -12.25
N SER B 286 1.47 -26.34 -11.44
CA SER B 286 1.57 -26.62 -9.98
C SER B 286 1.55 -28.13 -9.74
N ASP B 287 2.66 -28.66 -9.22
CA ASP B 287 2.76 -30.13 -8.99
C ASP B 287 1.67 -30.57 -8.03
N LEU B 288 1.52 -29.90 -6.88
CA LEU B 288 0.57 -30.40 -5.90
C LEU B 288 -0.85 -30.37 -6.43
N VAL B 289 -1.17 -29.35 -7.21
CA VAL B 289 -2.53 -29.19 -7.72
C VAL B 289 -2.81 -30.23 -8.79
N MET B 290 -1.83 -30.50 -9.64
CA MET B 290 -2.02 -31.45 -10.73
C MET B 290 -2.05 -32.86 -10.18
N THR B 291 -1.38 -33.09 -9.06
CA THR B 291 -1.34 -34.42 -8.46
C THR B 291 -2.55 -34.66 -7.55
N LEU B 292 -3.62 -33.88 -7.71
CA LEU B 292 -4.81 -34.12 -6.92
C LEU B 292 -5.38 -35.51 -7.24
N PRO B 293 -6.08 -36.13 -6.28
CA PRO B 293 -6.54 -37.52 -6.52
C PRO B 293 -7.43 -37.68 -7.74
N ASN B 294 -8.45 -36.83 -7.89
CA ASN B 294 -9.47 -36.97 -8.94
C ASN B 294 -9.74 -35.64 -9.63
N ILE B 295 -8.68 -34.96 -10.07
CA ILE B 295 -8.78 -33.57 -10.52
C ILE B 295 -9.94 -33.30 -11.49
N ALA B 296 -10.50 -34.34 -12.12
CA ALA B 296 -11.50 -34.10 -13.16
C ALA B 296 -12.69 -33.29 -12.66
N ARG B 297 -12.97 -33.31 -11.36
CA ARG B 297 -14.10 -32.56 -10.82
C ARG B 297 -13.91 -31.05 -10.90
N VAL B 298 -12.67 -30.59 -11.15
CA VAL B 298 -12.41 -29.15 -11.21
C VAL B 298 -12.94 -28.56 -12.52
N GLY B 299 -12.63 -29.18 -13.65
CA GLY B 299 -12.95 -28.63 -14.95
C GLY B 299 -11.72 -28.16 -15.72
N THR B 300 -11.88 -27.11 -16.53
CA THR B 300 -10.81 -26.64 -17.39
C THR B 300 -9.83 -25.75 -16.61
N VAL B 301 -8.54 -25.87 -16.93
CA VAL B 301 -7.51 -25.07 -16.29
C VAL B 301 -6.59 -24.48 -17.36
N LEU B 302 -6.31 -23.18 -17.24
CA LEU B 302 -5.61 -22.38 -18.22
C LEU B 302 -4.66 -21.44 -17.49
N GLY B 303 -3.65 -20.95 -18.20
CA GLY B 303 -2.81 -19.90 -17.61
C GLY B 303 -1.71 -19.46 -18.57
N PHE B 304 -1.31 -18.20 -18.38
CA PHE B 304 -0.21 -17.62 -19.13
C PHE B 304 1.11 -17.82 -18.38
N LEU B 305 2.18 -18.04 -19.13
CA LEU B 305 3.50 -18.26 -18.56
C LEU B 305 4.58 -17.60 -19.41
N GLN B 306 5.57 -17.01 -18.75
CA GLN B 306 6.63 -16.28 -19.44
C GLN B 306 7.53 -17.22 -20.23
N ARG B 307 7.98 -16.75 -21.39
CA ARG B 307 8.86 -17.50 -22.29
C ARG B 307 10.29 -16.97 -22.17
N GLY B 308 11.05 -17.52 -21.23
CA GLY B 308 12.46 -17.16 -21.09
C GLY B 308 13.35 -17.99 -22.01
N ALA B 309 14.42 -17.35 -22.50
CA ALA B 309 15.31 -17.98 -23.45
C ALA B 309 16.21 -19.01 -22.77
N LEU B 310 16.86 -19.82 -23.60
CA LEU B 310 17.72 -20.90 -23.11
C LEU B 310 19.10 -20.37 -22.69
N LEU B 311 19.66 -21.00 -21.66
CA LEU B 311 21.07 -20.85 -21.28
C LEU B 311 21.65 -22.25 -21.14
N PRO B 312 21.99 -22.91 -22.26
CA PRO B 312 22.37 -24.33 -22.17
C PRO B 312 23.68 -24.57 -21.45
N GLU B 313 24.60 -23.61 -21.46
CA GLU B 313 25.92 -23.80 -20.88
C GLU B 313 25.98 -23.56 -19.38
N PHE B 314 24.87 -23.14 -18.76
CA PHE B 314 24.91 -22.67 -17.37
C PHE B 314 25.27 -23.79 -16.40
N SER B 315 24.63 -24.95 -16.52
CA SER B 315 24.85 -26.02 -15.55
C SER B 315 26.29 -26.52 -15.58
N HIS B 316 26.88 -26.64 -16.77
CA HIS B 316 28.28 -27.04 -16.84
C HIS B 316 29.18 -25.99 -16.22
N TYR B 317 28.85 -24.71 -16.40
CA TYR B 317 29.61 -23.65 -15.76
C TYR B 317 29.55 -23.77 -14.23
N VAL B 318 28.37 -24.02 -13.68
CA VAL B 318 28.23 -24.18 -12.24
C VAL B 318 29.03 -25.37 -11.75
N GLU B 319 28.93 -26.50 -12.45
CA GLU B 319 29.70 -27.68 -12.09
C GLU B 319 31.20 -27.38 -12.13
N THR B 320 31.65 -26.70 -13.19
CA THR B 320 33.07 -26.39 -13.34
C THR B 320 33.56 -25.53 -12.19
N HIS B 321 32.80 -24.50 -11.83
CA HIS B 321 33.28 -23.59 -10.78
C HIS B 321 33.17 -24.20 -9.40
N LEU B 322 32.20 -25.07 -9.15
CA LEU B 322 32.21 -25.81 -7.89
C LEU B 322 33.42 -26.75 -7.82
N ALA B 323 33.74 -27.41 -8.93
CA ALA B 323 34.95 -28.24 -8.97
C ALA B 323 36.20 -27.40 -8.70
N LEU B 324 36.28 -26.22 -9.33
CA LEU B 324 37.42 -25.33 -9.09
C LEU B 324 37.47 -24.86 -7.63
N ALA B 325 36.31 -24.63 -7.02
CA ALA B 325 36.27 -24.28 -5.60
C ALA B 325 36.69 -25.45 -4.72
N ALA B 326 36.58 -26.68 -5.22
CA ALA B 326 37.09 -27.84 -4.50
C ALA B 326 38.60 -28.04 -4.68
N ASP B 327 39.16 -27.55 -5.79
CA ASP B 327 40.57 -27.79 -6.08
C ASP B 327 41.46 -27.06 -5.08
N PRO B 328 42.38 -27.75 -4.39
CA PRO B 328 43.23 -27.06 -3.41
C PRO B 328 44.26 -26.13 -4.03
N ALA B 329 44.66 -26.35 -5.27
CA ALA B 329 45.55 -25.39 -5.93
C ALA B 329 44.86 -24.07 -6.21
N PHE B 330 43.54 -24.09 -6.44
CA PHE B 330 42.82 -22.88 -6.79
C PHE B 330 42.84 -21.85 -5.67
N CYS B 331 43.30 -22.22 -4.47
CA CYS B 331 43.49 -21.23 -3.42
C CYS B 331 44.46 -20.14 -3.83
N ALA B 332 45.36 -20.42 -4.79
CA ALA B 332 46.30 -19.41 -5.26
C ALA B 332 45.65 -18.34 -6.12
N SER B 333 44.41 -18.53 -6.56
CA SER B 333 43.73 -17.53 -7.39
C SER B 333 43.47 -16.25 -6.61
N GLN B 347 31.45 -13.98 6.62
CA GLN B 347 31.68 -14.08 5.19
C GLN B 347 30.44 -13.68 4.40
N ARG B 348 30.62 -13.33 3.13
CA ARG B 348 29.48 -13.02 2.28
C ARG B 348 28.53 -14.19 2.17
N CYS B 349 29.02 -15.42 2.36
CA CYS B 349 28.18 -16.59 2.46
C CYS B 349 28.87 -17.64 3.31
N PRO B 350 28.39 -17.91 4.54
CA PRO B 350 29.13 -18.82 5.43
C PRO B 350 29.08 -20.28 4.97
N ARG B 351 27.93 -20.74 4.46
CA ARG B 351 27.77 -22.14 4.11
C ARG B 351 28.25 -22.47 2.69
N CYS B 352 28.51 -21.47 1.85
CA CYS B 352 28.97 -21.76 0.50
C CYS B 352 30.29 -22.52 0.53
N ASP B 353 31.10 -22.33 1.57
CA ASP B 353 32.35 -23.07 1.72
C ASP B 353 32.14 -24.47 2.29
N ASP B 354 31.00 -24.73 2.91
CA ASP B 354 30.67 -26.03 3.49
C ASP B 354 29.93 -26.94 2.52
N ILE B 355 29.09 -26.36 1.67
CA ILE B 355 28.10 -27.14 0.93
C ILE B 355 28.78 -28.12 -0.01
N MET B 356 28.19 -29.31 -0.13
CA MET B 356 28.75 -30.39 -0.92
C MET B 356 28.55 -30.12 -2.42
N LEU B 357 29.27 -30.91 -3.22
CA LEU B 357 29.33 -30.69 -4.66
C LEU B 357 28.15 -31.32 -5.41
N GLN B 358 27.96 -32.63 -5.28
CA GLN B 358 27.25 -33.41 -6.28
C GLN B 358 25.74 -33.16 -6.27
N ASN B 359 25.08 -33.58 -5.19
CA ASN B 359 23.64 -33.81 -5.26
C ASN B 359 22.87 -32.53 -5.54
N LEU B 360 23.23 -31.43 -4.89
CA LEU B 360 22.50 -30.18 -5.13
C LEU B 360 22.70 -29.68 -6.55
N SER B 361 23.96 -29.53 -6.97
CA SER B 361 24.24 -28.98 -8.29
C SER B 361 23.63 -29.84 -9.39
N SER B 362 23.50 -31.14 -9.17
CA SER B 362 22.89 -32.01 -10.17
C SER B 362 21.36 -31.93 -10.10
N GLY B 363 20.79 -32.27 -8.95
CA GLY B 363 19.35 -32.42 -8.86
C GLY B 363 18.58 -31.13 -9.01
N LEU B 364 19.08 -30.03 -8.43
CA LEU B 364 18.33 -28.78 -8.50
C LEU B 364 18.34 -28.20 -9.91
N LEU B 365 19.46 -28.34 -10.63
CA LEU B 365 19.51 -27.89 -12.01
C LEU B 365 18.83 -28.87 -12.96
N GLN B 366 18.59 -30.11 -12.54
CA GLN B 366 17.67 -30.98 -13.27
C GLN B 366 16.23 -30.57 -13.02
N ASN B 367 15.89 -30.20 -11.78
CA ASN B 367 14.57 -29.70 -11.47
C ASN B 367 14.32 -28.33 -12.10
N LEU B 368 15.38 -27.56 -12.29
CA LEU B 368 15.31 -26.27 -12.96
C LEU B 368 14.46 -26.34 -14.22
N GLN B 372 10.51 -21.64 -13.43
CA GLN B 372 10.55 -20.44 -12.60
C GLN B 372 11.99 -20.02 -12.32
N LEU B 373 12.82 -21.00 -11.96
CA LEU B 373 14.23 -20.72 -11.72
C LEU B 373 14.95 -20.37 -13.02
N HIS B 374 14.60 -21.06 -14.11
CA HIS B 374 15.36 -20.90 -15.36
C HIS B 374 15.29 -19.48 -15.89
N HIS B 375 14.08 -18.92 -16.02
CA HIS B 375 13.97 -17.60 -16.62
C HIS B 375 14.34 -16.49 -15.65
N GLN B 376 14.32 -16.72 -14.34
CA GLN B 376 14.92 -15.76 -13.43
C GLN B 376 16.44 -15.74 -13.54
N ILE B 377 17.06 -16.91 -13.74
CA ILE B 377 18.48 -16.95 -14.08
C ILE B 377 18.75 -16.13 -15.34
N PHE B 378 17.94 -16.37 -16.38
CA PHE B 378 18.10 -15.59 -17.61
C PHE B 378 17.88 -14.11 -17.37
N ALA B 379 16.95 -13.75 -16.48
CA ALA B 379 16.71 -12.35 -16.16
C ALA B 379 17.92 -11.71 -15.51
N THR B 380 18.59 -12.43 -14.61
CA THR B 380 19.82 -11.89 -14.03
C THR B 380 20.88 -11.68 -15.10
N TYR B 381 21.04 -12.67 -15.99
CA TYR B 381 21.97 -12.54 -17.11
C TYR B 381 21.66 -11.31 -17.94
N ALA B 382 20.38 -11.11 -18.27
CA ALA B 382 19.97 -9.97 -19.07
C ALA B 382 20.18 -8.65 -18.33
N ALA B 383 20.03 -8.64 -17.01
CA ALA B 383 20.30 -7.42 -16.26
C ALA B 383 21.77 -7.03 -16.34
N VAL B 384 22.67 -8.01 -16.20
CA VAL B 384 24.09 -7.71 -16.35
C VAL B 384 24.37 -7.17 -17.74
N TYR B 385 23.79 -7.80 -18.76
CA TYR B 385 24.02 -7.32 -20.12
C TYR B 385 23.42 -5.93 -20.35
N SER B 386 22.29 -5.62 -19.71
CA SER B 386 21.73 -4.29 -19.84
C SER B 386 22.67 -3.23 -19.26
N VAL B 387 23.24 -3.50 -18.09
CA VAL B 387 24.19 -2.55 -17.51
C VAL B 387 25.40 -2.40 -18.42
N ALA B 388 25.90 -3.52 -18.94
CA ALA B 388 27.09 -3.48 -19.78
C ALA B 388 26.85 -2.69 -21.06
N GLN B 389 25.70 -2.90 -21.70
CA GLN B 389 25.38 -2.15 -22.91
C GLN B 389 25.15 -0.66 -22.62
N ALA B 390 24.53 -0.34 -21.48
CA ALA B 390 24.36 1.06 -21.12
C ALA B 390 25.70 1.75 -20.94
N LEU B 391 26.64 1.07 -20.24
CA LEU B 391 27.98 1.64 -20.10
C LEU B 391 28.67 1.75 -21.47
N HIS B 392 28.49 0.76 -22.33
CA HIS B 392 29.08 0.81 -23.66
C HIS B 392 28.59 2.03 -24.43
N ASN B 393 27.29 2.32 -24.37
CA ASN B 393 26.77 3.52 -25.00
C ASN B 393 27.30 4.79 -24.35
N THR B 394 27.34 4.81 -23.00
CA THR B 394 27.77 6.03 -22.31
C THR B 394 29.21 6.37 -22.64
N LEU B 395 30.09 5.37 -22.69
CA LEU B 395 31.46 5.60 -23.11
C LEU B 395 31.56 5.85 -24.61
N GLN B 396 30.46 5.66 -25.35
CA GLN B 396 30.46 5.86 -26.80
C GLN B 396 31.58 5.04 -27.46
N CYS B 397 31.69 3.79 -27.02
CA CYS B 397 32.80 2.95 -27.43
C CYS B 397 32.70 2.59 -28.91
N ASN B 398 33.84 2.62 -29.59
CA ASN B 398 33.96 2.04 -30.92
C ASN B 398 34.18 0.53 -30.75
N VAL B 399 34.38 -0.19 -31.85
CA VAL B 399 34.78 -1.59 -31.74
C VAL B 399 36.16 -1.71 -31.11
N SER B 400 36.97 -0.65 -31.15
CA SER B 400 38.32 -0.71 -30.60
C SER B 400 38.68 0.53 -29.77
N HIS B 401 37.73 1.40 -29.45
CA HIS B 401 38.01 2.62 -28.70
C HIS B 401 36.92 2.84 -27.65
N CYS B 402 37.30 3.54 -26.58
CA CYS B 402 36.34 4.10 -25.65
C CYS B 402 36.89 5.44 -25.15
N HIS B 403 35.97 6.33 -24.77
CA HIS B 403 36.34 7.64 -24.22
C HIS B 403 36.65 7.53 -22.72
N VAL B 404 37.81 6.94 -22.44
CA VAL B 404 38.18 6.57 -21.08
C VAL B 404 38.84 7.74 -20.35
N SER B 405 38.83 8.92 -20.96
CA SER B 405 39.37 10.11 -20.30
C SER B 405 38.60 10.48 -19.05
N GLU B 406 37.42 9.91 -18.83
CA GLU B 406 36.61 10.19 -17.66
C GLU B 406 36.12 8.89 -17.06
N HIS B 407 35.70 8.97 -15.80
CA HIS B 407 35.09 7.86 -15.08
C HIS B 407 33.60 8.12 -14.97
N VAL B 408 32.79 7.23 -15.53
CA VAL B 408 31.35 7.45 -15.62
C VAL B 408 30.73 7.33 -14.24
N LEU B 409 30.10 8.40 -13.78
CA LEU B 409 29.36 8.37 -12.53
C LEU B 409 28.00 7.69 -12.72
N PRO B 410 27.44 7.09 -11.67
CA PRO B 410 26.18 6.36 -11.83
C PRO B 410 25.04 7.17 -12.44
N TRP B 411 24.87 8.43 -12.06
CA TRP B 411 23.75 9.20 -12.58
C TRP B 411 23.87 9.46 -14.08
N GLN B 412 25.05 9.23 -14.66
CA GLN B 412 25.22 9.41 -16.10
C GLN B 412 24.74 8.19 -16.89
N LEU B 413 24.79 7.00 -16.29
CA LEU B 413 24.19 5.83 -16.93
C LEU B 413 22.67 5.98 -17.05
N LEU B 414 22.05 6.57 -16.03
CA LEU B 414 20.59 6.59 -15.98
C LEU B 414 19.99 7.33 -17.17
N GLU B 415 20.65 8.40 -17.62
CA GLU B 415 20.17 9.11 -18.80
C GLU B 415 20.20 8.24 -20.04
N ASN B 416 21.19 7.34 -20.15
CA ASN B 416 21.37 6.51 -21.32
C ASN B 416 20.70 5.15 -21.22
N MET B 417 20.12 4.80 -20.06
CA MET B 417 19.55 3.48 -19.88
C MET B 417 18.10 3.36 -20.37
N TYR B 418 17.39 4.49 -20.55
CA TYR B 418 15.98 4.42 -20.92
C TYR B 418 15.77 4.11 -22.39
N ASN B 419 16.65 4.59 -23.26
CA ASN B 419 16.45 4.50 -24.70
C ASN B 419 17.28 3.41 -25.37
N MET B 420 17.92 2.54 -24.59
CA MET B 420 18.80 1.52 -25.14
C MET B 420 18.02 0.30 -25.62
N SER B 421 18.75 -0.60 -26.29
CA SER B 421 18.34 -1.97 -26.53
C SER B 421 19.56 -2.86 -26.33
N PHE B 422 19.37 -3.99 -25.66
CA PHE B 422 20.46 -4.89 -25.34
C PHE B 422 20.14 -6.29 -25.83
N HIS B 423 21.19 -6.99 -26.29
CA HIS B 423 21.06 -8.30 -26.93
C HIS B 423 21.37 -9.39 -25.92
N ALA B 424 20.36 -9.78 -25.16
CA ALA B 424 20.51 -10.87 -24.21
C ALA B 424 20.45 -12.20 -24.95
N ARG B 425 21.63 -12.81 -25.14
CA ARG B 425 21.71 -14.10 -25.82
C ARG B 425 21.15 -13.98 -27.24
N ASP B 426 19.97 -14.55 -27.49
CA ASP B 426 19.32 -14.46 -28.78
C ASP B 426 18.25 -13.38 -28.83
N LEU B 427 17.75 -12.92 -27.70
CA LEU B 427 16.69 -11.92 -27.68
C LEU B 427 17.26 -10.51 -27.81
N THR B 428 16.40 -9.60 -28.26
CA THR B 428 16.64 -8.16 -28.19
C THR B 428 15.60 -7.56 -27.26
N LEU B 429 16.04 -6.69 -26.36
CA LEU B 429 15.18 -6.19 -25.30
C LEU B 429 15.33 -4.68 -25.17
N GLN B 430 14.31 -4.06 -24.56
CA GLN B 430 14.34 -2.64 -24.25
C GLN B 430 13.71 -2.41 -22.89
N PHE B 431 14.03 -1.25 -22.30
CA PHE B 431 13.32 -0.72 -21.16
C PHE B 431 12.32 0.32 -21.67
N ASP B 432 11.05 0.14 -21.31
CA ASP B 432 10.03 1.11 -21.71
C ASP B 432 10.12 2.36 -20.84
N ALA B 433 9.14 3.25 -21.00
CA ALA B 433 9.15 4.50 -20.26
C ALA B 433 9.04 4.30 -18.75
N GLU B 434 8.62 3.12 -18.30
CA GLU B 434 8.48 2.82 -16.88
C GLU B 434 9.52 1.81 -16.39
N GLY B 435 10.61 1.62 -17.14
CA GLY B 435 11.65 0.71 -16.71
C GLY B 435 11.27 -0.75 -16.76
N ASN B 436 10.29 -1.12 -17.59
CA ASN B 436 9.80 -2.48 -17.69
C ASN B 436 10.04 -3.03 -19.09
N VAL B 437 10.51 -4.27 -19.16
CA VAL B 437 10.97 -4.86 -20.41
C VAL B 437 9.79 -5.35 -21.24
N ASP B 438 9.98 -5.37 -22.56
CA ASP B 438 9.04 -6.03 -23.46
C ASP B 438 9.20 -7.54 -23.34
N MET B 439 8.09 -8.25 -23.19
CA MET B 439 8.13 -9.68 -22.94
C MET B 439 6.87 -10.31 -23.52
N GLU B 440 6.98 -11.61 -23.82
CA GLU B 440 5.88 -12.36 -24.42
C GLU B 440 5.61 -13.61 -23.61
N TYR B 441 4.38 -14.12 -23.72
CA TYR B 441 3.90 -15.24 -22.91
C TYR B 441 3.36 -16.33 -23.81
N ASP B 442 3.51 -17.58 -23.35
CA ASP B 442 2.73 -18.68 -23.86
C ASP B 442 1.44 -18.80 -23.06
N LEU B 443 0.38 -19.25 -23.71
CA LEU B 443 -0.84 -19.67 -23.02
C LEU B 443 -0.85 -21.19 -22.98
N LYS B 444 -1.06 -21.76 -21.80
CA LYS B 444 -1.00 -23.19 -21.61
C LYS B 444 -2.27 -23.70 -20.96
N MET B 445 -2.75 -24.84 -21.44
CA MET B 445 -4.03 -25.42 -21.06
C MET B 445 -3.82 -26.86 -20.65
N TRP B 446 -4.56 -27.31 -19.64
CA TRP B 446 -4.47 -28.68 -19.15
C TRP B 446 -5.46 -29.58 -19.88
N VAL B 447 -4.95 -30.58 -20.58
CA VAL B 447 -5.71 -31.77 -20.95
C VAL B 447 -5.63 -32.70 -19.74
N TRP B 448 -6.67 -32.72 -18.92
CA TRP B 448 -6.68 -33.49 -17.68
C TRP B 448 -7.16 -34.93 -17.87
N GLN B 449 -7.56 -35.32 -19.09
CA GLN B 449 -8.23 -36.60 -19.30
C GLN B 449 -7.28 -37.75 -19.57
N SER B 450 -6.01 -37.47 -19.88
CA SER B 450 -5.03 -38.53 -20.03
C SER B 450 -4.70 -39.14 -18.67
N PRO B 451 -4.09 -40.33 -18.66
CA PRO B 451 -3.77 -40.97 -17.36
C PRO B 451 -3.03 -40.04 -16.42
N THR B 452 -2.14 -39.18 -16.94
CA THR B 452 -1.65 -38.05 -16.19
C THR B 452 -1.92 -36.77 -16.97
N PRO B 453 -2.30 -35.68 -16.28
CA PRO B 453 -2.60 -34.44 -17.01
C PRO B 453 -1.41 -33.98 -17.84
N VAL B 454 -1.71 -33.33 -18.96
CA VAL B 454 -0.70 -32.86 -19.90
C VAL B 454 -0.99 -31.40 -20.20
N LEU B 455 0.07 -30.63 -20.45
CA LEU B 455 -0.05 -29.21 -20.77
C LEU B 455 0.20 -29.00 -22.26
N HIS B 456 -0.62 -28.17 -22.89
CA HIS B 456 -0.41 -27.80 -24.29
C HIS B 456 -0.42 -26.29 -24.45
N THR B 457 0.44 -25.80 -25.35
CA THR B 457 0.54 -24.38 -25.67
C THR B 457 -0.60 -24.02 -26.61
N VAL B 458 -1.71 -23.56 -26.01
CA VAL B 458 -2.89 -23.17 -26.77
C VAL B 458 -2.67 -21.88 -27.54
N GLY B 459 -1.75 -21.03 -27.12
CA GLY B 459 -1.56 -19.76 -27.80
C GLY B 459 -0.44 -18.95 -27.19
N THR B 460 -0.34 -17.70 -27.64
CA THR B 460 0.72 -16.80 -27.22
C THR B 460 0.17 -15.39 -27.06
N PHE B 461 0.87 -14.59 -26.26
CA PHE B 461 0.54 -13.19 -26.04
C PHE B 461 1.78 -12.34 -26.26
N ASN B 462 1.75 -11.47 -27.28
CA ASN B 462 2.87 -10.62 -27.65
C ASN B 462 2.41 -9.17 -27.76
N GLY B 463 1.69 -8.68 -26.75
CA GLY B 463 0.95 -7.44 -26.85
C GLY B 463 -0.42 -7.60 -27.46
N THR B 464 -0.67 -8.73 -28.13
CA THR B 464 -2.00 -9.12 -28.56
C THR B 464 -2.05 -10.63 -28.55
N LEU B 465 -3.26 -11.16 -28.44
CA LEU B 465 -3.47 -12.57 -28.14
C LEU B 465 -3.70 -13.36 -29.42
N GLN B 466 -2.93 -14.44 -29.60
CA GLN B 466 -3.12 -15.37 -30.69
C GLN B 466 -3.47 -16.73 -30.09
N LEU B 467 -4.62 -17.28 -30.49
CA LEU B 467 -5.11 -18.55 -29.98
C LEU B 467 -5.14 -19.59 -31.09
N GLN B 468 -4.60 -20.77 -30.81
CA GLN B 468 -4.70 -21.91 -31.71
C GLN B 468 -5.96 -22.69 -31.37
N GLN B 469 -7.09 -22.16 -31.84
CA GLN B 469 -8.40 -22.69 -31.46
C GLN B 469 -8.53 -24.17 -31.76
N SER B 470 -7.87 -24.65 -32.82
CA SER B 470 -8.05 -26.04 -33.25
C SER B 470 -7.54 -27.05 -32.23
N LYS B 471 -6.69 -26.63 -31.29
CA LYS B 471 -6.04 -27.54 -30.36
C LYS B 471 -6.72 -27.62 -28.99
N MET B 472 -7.67 -26.75 -28.68
CA MET B 472 -8.26 -26.73 -27.36
C MET B 472 -9.26 -27.88 -27.18
N TYR B 473 -9.51 -28.20 -25.92
CA TYR B 473 -10.52 -29.18 -25.53
C TYR B 473 -11.47 -28.55 -24.53
N TRP B 474 -12.73 -29.01 -24.55
CA TRP B 474 -13.76 -28.52 -23.64
C TRP B 474 -14.53 -29.70 -23.08
N PRO B 475 -15.10 -29.56 -21.87
CA PRO B 475 -15.79 -30.70 -21.25
C PRO B 475 -17.00 -31.18 -22.04
N GLY B 476 -17.72 -30.26 -22.70
CA GLY B 476 -18.87 -30.63 -23.51
C GLY B 476 -18.59 -30.46 -24.99
N ASN B 477 -17.30 -30.43 -25.35
CA ASN B 477 -16.82 -30.20 -26.72
C ASN B 477 -17.41 -28.93 -27.32
N GLN B 478 -17.93 -28.04 -26.48
CA GLN B 478 -18.37 -26.71 -26.88
C GLN B 478 -17.91 -25.72 -25.83
N VAL B 479 -17.69 -24.48 -26.28
CA VAL B 479 -17.03 -23.48 -25.44
C VAL B 479 -17.94 -23.12 -24.27
N PRO B 480 -17.46 -23.17 -23.02
CA PRO B 480 -18.25 -22.67 -21.89
C PRO B 480 -18.55 -21.18 -22.02
N VAL B 481 -19.64 -20.76 -21.38
CA VAL B 481 -20.12 -19.38 -21.46
C VAL B 481 -20.55 -18.93 -20.07
N SER B 482 -20.44 -17.61 -19.83
CA SER B 482 -20.92 -17.01 -18.59
C SER B 482 -21.58 -15.65 -18.77
N GLN B 483 -21.50 -15.02 -19.94
CA GLN B 483 -21.79 -13.60 -20.10
C GLN B 483 -23.14 -13.21 -19.51
N CYS B 484 -23.23 -11.94 -19.13
CA CYS B 484 -24.47 -11.31 -18.70
C CYS B 484 -24.83 -10.16 -19.63
N SER B 485 -26.12 -9.91 -19.78
CA SER B 485 -26.58 -8.82 -20.62
C SER B 485 -26.26 -7.47 -19.98
N ARG B 486 -25.97 -6.49 -20.82
CA ARG B 486 -25.93 -5.09 -20.40
C ARG B 486 -27.04 -4.29 -21.05
N GLN B 487 -27.21 -4.41 -22.36
CA GLN B 487 -28.38 -3.88 -23.03
C GLN B 487 -29.61 -4.74 -22.74
N CYS B 488 -30.78 -4.12 -22.87
CA CYS B 488 -32.05 -4.84 -22.82
C CYS B 488 -32.99 -4.21 -23.84
N LYS B 489 -34.00 -4.99 -24.21
CA LYS B 489 -35.02 -4.49 -25.12
C LYS B 489 -35.83 -3.37 -24.47
N ASP B 490 -36.45 -2.55 -25.31
CA ASP B 490 -37.27 -1.44 -24.81
C ASP B 490 -38.39 -1.93 -23.92
N GLY B 491 -38.84 -3.17 -24.10
CA GLY B 491 -39.88 -3.76 -23.29
C GLY B 491 -39.40 -4.49 -22.06
N GLN B 492 -38.10 -4.46 -21.77
CA GLN B 492 -37.50 -5.22 -20.68
C GLN B 492 -37.05 -4.30 -19.56
N VAL B 493 -37.36 -4.69 -18.32
CA VAL B 493 -36.89 -3.96 -17.16
C VAL B 493 -35.43 -4.28 -16.90
N ARG B 494 -34.69 -3.30 -16.39
CA ARG B 494 -33.28 -3.46 -16.09
C ARG B 494 -33.06 -3.45 -14.58
N ARG B 495 -32.25 -4.39 -14.10
CA ARG B 495 -31.91 -4.48 -12.69
C ARG B 495 -30.43 -4.81 -12.56
N VAL B 496 -29.73 -4.06 -11.71
CA VAL B 496 -28.28 -4.14 -11.64
C VAL B 496 -27.84 -5.44 -10.97
N LYS B 497 -26.68 -5.94 -11.40
CA LYS B 497 -25.98 -6.99 -10.68
C LYS B 497 -24.49 -6.82 -10.92
N GLY B 498 -23.70 -7.47 -10.08
CA GLY B 498 -22.26 -7.43 -10.18
C GLY B 498 -21.61 -6.76 -8.98
N PHE B 499 -20.36 -7.12 -8.72
CA PHE B 499 -19.61 -6.46 -7.66
C PHE B 499 -19.53 -4.97 -7.91
N HIS B 500 -19.34 -4.57 -9.16
CA HIS B 500 -19.64 -3.24 -9.64
C HIS B 500 -20.95 -3.27 -10.41
N SER B 501 -21.49 -2.10 -10.69
CA SER B 501 -22.76 -1.99 -11.43
C SER B 501 -22.57 -2.12 -12.93
N CYS B 502 -21.97 -3.24 -13.38
CA CYS B 502 -21.50 -3.33 -14.76
C CYS B 502 -22.53 -3.95 -15.72
N CYS B 503 -23.41 -4.85 -15.26
CA CYS B 503 -24.36 -5.46 -16.18
C CYS B 503 -25.70 -5.70 -15.48
N TYR B 504 -26.73 -5.84 -16.32
CA TYR B 504 -28.12 -5.95 -15.88
C TYR B 504 -28.72 -7.25 -16.42
N ASP B 505 -29.42 -7.98 -15.58
CA ASP B 505 -30.23 -9.11 -16.02
C ASP B 505 -31.62 -8.61 -16.38
N CYS B 506 -31.98 -8.68 -17.65
CA CYS B 506 -33.25 -8.13 -18.11
C CYS B 506 -34.42 -8.97 -17.57
N VAL B 507 -35.50 -8.29 -17.22
CA VAL B 507 -36.74 -8.92 -16.76
C VAL B 507 -37.85 -8.58 -17.75
N ASP B 508 -38.50 -9.59 -18.30
CA ASP B 508 -39.67 -9.39 -19.14
C ASP B 508 -40.89 -9.16 -18.25
N CYS B 509 -41.47 -7.97 -18.35
CA CYS B 509 -42.62 -7.63 -17.50
C CYS B 509 -43.82 -8.48 -17.87
N LYS B 510 -44.51 -8.99 -16.85
CA LYS B 510 -45.63 -9.89 -17.06
C LYS B 510 -46.83 -9.15 -17.61
N ALA B 511 -47.78 -9.92 -18.14
CA ALA B 511 -49.04 -9.36 -18.62
C ALA B 511 -49.78 -8.65 -17.49
N GLY B 512 -50.64 -7.71 -17.86
CA GLY B 512 -51.35 -6.91 -16.88
C GLY B 512 -50.57 -5.73 -16.35
N SER B 513 -49.34 -5.52 -16.81
CA SER B 513 -48.52 -4.40 -16.41
C SER B 513 -47.74 -3.91 -17.62
N TYR B 514 -47.26 -2.67 -17.55
CA TYR B 514 -46.67 -2.01 -18.70
C TYR B 514 -45.41 -1.26 -18.29
N ARG B 515 -44.54 -1.06 -19.28
CA ARG B 515 -43.27 -0.37 -19.10
C ARG B 515 -43.42 1.06 -19.58
N LYS B 516 -43.40 2.02 -18.63
CA LYS B 516 -43.73 3.40 -19.00
C LYS B 516 -42.66 4.03 -19.88
N HIS B 517 -41.39 3.69 -19.68
CA HIS B 517 -40.33 4.17 -20.55
C HIS B 517 -39.20 3.15 -20.54
N PRO B 518 -38.36 3.13 -21.58
CA PRO B 518 -37.53 1.94 -21.83
C PRO B 518 -36.39 1.72 -20.87
N ASP B 519 -36.08 2.67 -19.97
CA ASP B 519 -35.00 2.49 -19.02
C ASP B 519 -35.48 2.59 -17.57
N ASP B 520 -36.77 2.39 -17.33
CA ASP B 520 -37.27 2.37 -15.96
C ASP B 520 -36.85 1.05 -15.29
N PHE B 521 -36.71 1.11 -13.97
CA PHE B 521 -36.26 -0.02 -13.18
C PHE B 521 -37.41 -0.79 -12.54
N THR B 522 -38.65 -0.42 -12.84
CA THR B 522 -39.81 -1.17 -12.38
C THR B 522 -40.87 -1.14 -13.46
N CYS B 523 -41.87 -2.01 -13.31
CA CYS B 523 -42.98 -2.13 -14.24
C CYS B 523 -44.26 -1.76 -13.51
N THR B 524 -45.19 -1.12 -14.23
CA THR B 524 -46.36 -0.53 -13.60
C THR B 524 -47.64 -1.28 -13.97
N PRO B 525 -48.52 -1.58 -13.01
CA PRO B 525 -49.79 -2.22 -13.35
C PRO B 525 -50.67 -1.34 -14.25
N CYS B 526 -51.46 -2.00 -15.10
CA CYS B 526 -52.48 -1.30 -15.88
C CYS B 526 -53.70 -0.98 -15.02
N ASN B 527 -54.51 -0.04 -15.50
CA ASN B 527 -55.73 0.33 -14.81
C ASN B 527 -56.80 -0.76 -14.99
N GLN B 528 -57.82 -0.72 -14.13
CA GLN B 528 -58.79 -1.82 -14.08
C GLN B 528 -59.55 -2.00 -15.39
N ASP B 529 -59.79 -0.91 -16.12
CA ASP B 529 -60.52 -1.00 -17.39
C ASP B 529 -59.65 -1.50 -18.53
N GLN B 530 -58.39 -1.85 -18.28
CA GLN B 530 -57.44 -2.13 -19.32
C GLN B 530 -56.67 -3.41 -19.00
N TRP B 531 -55.96 -3.90 -20.02
CA TRP B 531 -55.14 -5.10 -19.93
C TRP B 531 -53.97 -4.92 -20.88
N SER B 532 -52.95 -5.77 -20.72
CA SER B 532 -51.76 -5.67 -21.54
C SER B 532 -51.15 -7.05 -21.73
N PRO B 533 -50.50 -7.31 -22.86
CA PRO B 533 -49.71 -8.54 -23.00
C PRO B 533 -48.34 -8.40 -22.37
N GLU B 534 -47.52 -9.46 -22.47
CA GLU B 534 -46.17 -9.41 -21.92
C GLU B 534 -45.32 -8.38 -22.65
N LYS B 535 -44.38 -7.78 -21.92
CA LYS B 535 -43.39 -6.87 -22.46
C LYS B 535 -44.01 -5.63 -23.12
N SER B 536 -45.24 -5.31 -22.79
CA SER B 536 -45.90 -4.16 -23.39
C SER B 536 -45.45 -2.86 -22.73
N THR B 537 -45.37 -1.81 -23.53
CA THR B 537 -45.15 -0.46 -23.03
C THR B 537 -46.46 0.30 -22.82
N ALA B 538 -47.60 -0.32 -23.10
CA ALA B 538 -48.88 0.35 -23.04
C ALA B 538 -49.94 -0.65 -22.58
N CYS B 539 -51.12 -0.12 -22.26
CA CYS B 539 -52.26 -0.90 -21.85
C CYS B 539 -53.38 -0.72 -22.87
N LEU B 540 -54.24 -1.73 -22.97
CA LEU B 540 -55.35 -1.72 -23.91
C LEU B 540 -56.66 -1.94 -23.16
N PRO B 541 -57.78 -1.39 -23.68
CA PRO B 541 -59.05 -1.47 -22.94
C PRO B 541 -59.57 -2.90 -22.83
#